data_3WY9
#
_entry.id   3WY9
#
_cell.length_a   157.256
_cell.length_b   87.420
_cell.length_c   82.461
_cell.angle_alpha   90.00
_cell.angle_beta   92.26
_cell.angle_gamma   90.00
#
_symmetry.space_group_name_H-M   'C 1 2 1'
#
loop_
_entity.id
_entity.type
_entity.pdbx_description
1 polymer 'Elongation factor 1-alpha'
2 polymer '50S ribosomal protein L12'
3 non-polymer "GUANOSINE-5'-DIPHOSPHATE"
4 water water
#
loop_
_entity_poly.entity_id
_entity_poly.type
_entity_poly.pdbx_seq_one_letter_code
_entity_poly.pdbx_strand_id
1 'polypeptide(L)'
;MPKEKPHVNIVFIGHVDHGKSTTIGRLLYDTGNIPETIIKKFEEMGEKGKSFKFAWVMDRLKEERERGITIDVAHTKFET
PHRYITIIDAPGHRDFVKNMITGASQADAAVLVVAATDGVMPQTKEHAFLARTLGIKHIIVTINKMDMVNYDQKVFEKVK
AQVEKLLKTLGYKDFPVIPTSAWNGDNVVKKSDKMPWYNGPTLIEALDQIPEPEKPIDKPLRIPIQDVYSIKGVGTVPVG
RVETGKLKVGDVVIFEPASTIFHKPIQGEVKSIEMHHEPLQEALPGDNIGFNVRGVSKNDIKRGDVAGHTDKPPTVVRTK
DTFKAQIIVLNHPTAITVGYSPVLHAHTAQIPVRFEQILAKVDPRTGNIVEENPQFIKTGDSAIVVLRPMKPVVLEPVKE
IPQLGRFAIRDMGMTIAAGMVISIQKGEHHHHHH
;
A,B
2 'polypeptide(L)' EEKKEEEKKEEEEKEEEVSEEEALAGLSALFG C,D
#
loop_
_chem_comp.id
_chem_comp.type
_chem_comp.name
_chem_comp.formula
GDP RNA linking GUANOSINE-5'-DIPHOSPHATE 'C10 H15 N5 O11 P2'
#
# COMPACT_ATOMS: atom_id res chain seq x y z
N LYS A 5 -16.50 13.79 -38.48
CA LYS A 5 -16.07 14.17 -37.10
C LYS A 5 -16.12 12.95 -36.18
N PRO A 6 -15.04 12.71 -35.44
CA PRO A 6 -15.07 11.58 -34.50
C PRO A 6 -15.99 11.90 -33.32
N HIS A 7 -16.63 10.85 -32.80
CA HIS A 7 -17.48 10.89 -31.62
C HIS A 7 -16.66 10.53 -30.40
N VAL A 8 -16.87 11.24 -29.31
CA VAL A 8 -16.13 11.02 -28.10
C VAL A 8 -17.06 11.13 -26.87
N ASN A 9 -16.84 10.26 -25.88
CA ASN A 9 -17.67 10.27 -24.70
C ASN A 9 -16.89 10.81 -23.52
N ILE A 10 -17.55 11.59 -22.68
CA ILE A 10 -16.85 12.11 -21.50
C ILE A 10 -17.64 11.90 -20.25
N VAL A 11 -16.92 11.80 -19.15
CA VAL A 11 -17.53 11.77 -17.86
C VAL A 11 -17.02 12.95 -16.99
N PHE A 12 -17.88 13.48 -16.11
CA PHE A 12 -17.43 14.48 -15.17
C PHE A 12 -17.20 13.83 -13.83
N ILE A 13 -16.06 14.12 -13.21
CA ILE A 13 -15.79 13.66 -11.86
C ILE A 13 -15.28 14.75 -10.95
N GLY A 14 -15.11 14.44 -9.67
CA GLY A 14 -14.75 15.48 -8.72
C GLY A 14 -15.66 15.45 -7.48
N HIS A 15 -15.21 16.08 -6.42
CA HIS A 15 -15.92 16.11 -5.14
C HIS A 15 -17.31 16.76 -5.26
N VAL A 16 -18.29 16.17 -4.57
CA VAL A 16 -19.63 16.81 -4.46
C VAL A 16 -19.47 18.33 -4.17
N ASP A 17 -20.28 19.15 -4.84
CA ASP A 17 -20.31 20.62 -4.70
C ASP A 17 -19.17 21.38 -5.38
N HIS A 18 -18.22 20.68 -6.00
CA HIS A 18 -17.09 21.41 -6.60
C HIS A 18 -17.43 22.06 -7.94
N GLY A 19 -18.52 21.58 -8.57
CA GLY A 19 -19.18 22.27 -9.68
C GLY A 19 -19.35 21.48 -10.96
N LYS A 20 -19.46 20.14 -10.86
CA LYS A 20 -19.73 19.32 -12.02
C LYS A 20 -21.02 19.72 -12.77
N SER A 21 -22.17 19.74 -12.08
CA SER A 21 -23.46 20.11 -12.76
C SER A 21 -23.44 21.48 -13.35
N THR A 22 -22.85 22.43 -12.61
CA THR A 22 -22.79 23.81 -13.07
C THR A 22 -21.93 23.92 -14.35
N THR A 23 -20.81 23.19 -14.41
CA THR A 23 -19.93 23.19 -15.61
C THR A 23 -20.61 22.55 -16.82
N ILE A 24 -21.26 21.43 -16.61
CA ILE A 24 -22.07 20.84 -17.69
C ILE A 24 -23.10 21.84 -18.17
N GLY A 25 -23.85 22.42 -17.23
CA GLY A 25 -24.88 23.39 -17.55
C GLY A 25 -24.31 24.54 -18.37
N ARG A 26 -23.17 25.06 -17.91
CA ARG A 26 -22.52 26.17 -18.58
C ARG A 26 -22.08 25.79 -19.98
N LEU A 27 -21.57 24.55 -20.16
CA LEU A 27 -21.27 24.07 -21.50
C LEU A 27 -22.54 24.07 -22.39
N LEU A 28 -23.64 23.55 -21.85
CA LEU A 28 -24.88 23.47 -22.61
C LEU A 28 -25.41 24.85 -22.96
N TYR A 29 -25.50 25.69 -21.93
CA TYR A 29 -25.98 27.05 -22.06
C TYR A 29 -25.18 27.84 -23.08
N ASP A 30 -23.86 27.84 -22.95
CA ASP A 30 -23.08 28.75 -23.81
C ASP A 30 -22.97 28.22 -25.24
N THR A 31 -23.28 26.94 -25.46
CA THR A 31 -23.28 26.40 -26.85
C THR A 31 -24.68 26.35 -27.43
N GLY A 32 -25.65 26.72 -26.60
CA GLY A 32 -27.03 26.74 -27.01
C GLY A 32 -27.61 25.34 -27.13
N ASN A 33 -26.96 24.36 -26.51
CA ASN A 33 -27.45 22.99 -26.51
C ASN A 33 -28.31 22.70 -25.30
N ILE A 34 -29.25 23.59 -25.02
CA ILE A 34 -30.21 23.42 -23.93
C ILE A 34 -31.15 22.23 -24.22
N PRO A 35 -31.37 21.34 -23.23
CA PRO A 35 -32.33 20.24 -23.49
C PRO A 35 -33.74 20.71 -23.92
N GLU A 36 -34.31 19.99 -24.87
CA GLU A 36 -35.60 20.37 -25.46
C GLU A 36 -36.69 20.60 -24.43
N THR A 37 -36.67 19.83 -23.33
CA THR A 37 -37.76 19.93 -22.36
C THR A 37 -37.65 21.29 -21.68
N ILE A 38 -36.42 21.77 -21.56
CA ILE A 38 -36.17 23.05 -20.90
C ILE A 38 -36.55 24.19 -21.83
N ILE A 39 -36.19 24.06 -23.11
CA ILE A 39 -36.66 25.00 -24.12
C ILE A 39 -38.20 25.11 -24.08
N LYS A 40 -38.92 23.97 -24.04
CA LYS A 40 -40.40 23.99 -23.94
C LYS A 40 -40.89 24.65 -22.65
N LYS A 41 -40.29 24.28 -21.50
CA LYS A 41 -40.65 24.89 -20.22
C LYS A 41 -40.70 26.39 -20.37
N PHE A 42 -39.73 26.93 -21.11
CA PHE A 42 -39.65 28.34 -21.23
C PHE A 42 -40.81 28.97 -22.05
N GLU A 43 -41.28 28.24 -23.06
CA GLU A 43 -42.27 28.76 -24.00
C GLU A 43 -43.63 29.10 -23.36
N SER A 51 -37.33 35.20 -17.06
CA SER A 51 -36.25 35.60 -17.97
C SER A 51 -35.23 34.46 -18.20
N PHE A 52 -34.65 34.38 -19.41
CA PHE A 52 -33.78 33.24 -19.82
C PHE A 52 -32.29 33.38 -19.40
N LYS A 53 -32.06 33.63 -18.10
CA LYS A 53 -30.70 33.72 -17.51
C LYS A 53 -30.11 32.34 -17.14
N PHE A 54 -28.78 32.27 -17.08
CA PHE A 54 -28.10 31.03 -16.71
C PHE A 54 -28.66 30.38 -15.43
N ALA A 55 -28.91 31.21 -14.42
CA ALA A 55 -29.38 30.75 -13.09
C ALA A 55 -30.70 29.98 -13.20
N TRP A 56 -31.62 30.51 -14.00
CA TRP A 56 -32.91 29.86 -14.26
C TRP A 56 -32.70 28.51 -14.94
N VAL A 57 -31.77 28.45 -15.89
CA VAL A 57 -31.51 27.20 -16.60
C VAL A 57 -30.96 26.17 -15.61
N MET A 58 -30.01 26.57 -14.76
CA MET A 58 -29.47 25.66 -13.73
C MET A 58 -30.61 25.12 -12.87
N ASP A 59 -31.52 26.01 -12.45
CA ASP A 59 -32.72 25.59 -11.70
C ASP A 59 -33.49 24.53 -12.44
N ARG A 60 -33.68 24.75 -13.74
CA ARG A 60 -34.44 23.77 -14.53
C ARG A 60 -33.64 22.50 -14.79
N LEU A 61 -32.33 22.58 -14.95
CA LEU A 61 -31.59 21.31 -15.06
C LEU A 61 -31.70 20.54 -13.74
N LYS A 62 -31.60 21.25 -12.62
CA LYS A 62 -31.73 20.61 -11.31
C LYS A 62 -33.13 19.98 -11.18
N GLU A 63 -34.15 20.75 -11.54
CA GLU A 63 -35.49 20.22 -11.49
C GLU A 63 -35.65 18.95 -12.35
N GLU A 64 -35.07 18.91 -13.55
CA GLU A 64 -35.13 17.70 -14.39
C GLU A 64 -34.46 16.52 -13.66
N ARG A 65 -33.40 16.82 -12.93
CA ARG A 65 -32.66 15.79 -12.22
C ARG A 65 -33.57 15.22 -11.16
N GLU A 66 -34.20 16.10 -10.38
CA GLU A 66 -35.13 15.69 -9.33
C GLU A 66 -36.37 14.97 -9.85
N ARG A 67 -36.71 15.16 -11.13
CA ARG A 67 -37.83 14.43 -11.72
C ARG A 67 -37.36 13.06 -12.15
N GLY A 68 -36.06 12.80 -11.98
CA GLY A 68 -35.53 11.45 -12.27
C GLY A 68 -34.79 11.30 -13.57
N ILE A 69 -34.61 12.41 -14.29
CA ILE A 69 -33.77 12.37 -15.47
C ILE A 69 -32.32 12.46 -15.00
N THR A 70 -31.60 11.35 -15.13
CA THR A 70 -30.21 11.32 -14.67
C THR A 70 -29.30 11.58 -15.88
N ILE A 71 -28.05 12.02 -15.65
CA ILE A 71 -27.15 12.36 -16.81
C ILE A 71 -26.95 11.21 -17.78
N ASP A 72 -26.92 9.98 -17.27
CA ASP A 72 -26.69 8.82 -18.12
C ASP A 72 -27.84 8.70 -19.12
N VAL A 73 -29.06 8.87 -18.61
CA VAL A 73 -30.31 8.81 -19.38
C VAL A 73 -30.48 10.03 -20.31
N ALA A 74 -30.12 11.21 -19.82
CA ALA A 74 -30.20 12.42 -20.65
C ALA A 74 -29.19 12.40 -21.79
N HIS A 75 -28.10 11.63 -21.62
CA HIS A 75 -26.90 11.63 -22.47
C HIS A 75 -26.84 12.84 -23.42
N THR A 76 -26.65 14.01 -22.83
CA THR A 76 -26.58 15.27 -23.54
C THR A 76 -25.31 15.33 -24.41
N LYS A 77 -25.47 15.95 -25.58
CA LYS A 77 -24.49 16.00 -26.66
C LYS A 77 -24.29 17.43 -27.11
N PHE A 78 -23.06 17.77 -27.48
CA PHE A 78 -22.84 18.99 -28.25
C PHE A 78 -21.73 18.78 -29.25
N GLU A 79 -21.55 19.76 -30.13
CA GLU A 79 -20.60 19.68 -31.20
C GLU A 79 -19.49 20.69 -30.99
N THR A 80 -18.27 20.31 -31.31
CA THR A 80 -17.20 21.28 -31.37
C THR A 80 -16.61 21.21 -32.76
N PRO A 81 -15.64 22.07 -33.07
CA PRO A 81 -15.15 22.09 -34.45
C PRO A 81 -14.64 20.72 -34.96
N HIS A 82 -14.12 19.87 -34.09
CA HIS A 82 -13.58 18.57 -34.53
C HIS A 82 -14.18 17.35 -33.86
N ARG A 83 -15.16 17.55 -32.97
CA ARG A 83 -15.74 16.43 -32.25
C ARG A 83 -17.25 16.47 -32.17
N TYR A 84 -17.83 15.28 -32.03
CA TYR A 84 -19.11 15.14 -31.37
C TYR A 84 -18.87 14.64 -29.94
N ILE A 85 -19.43 15.35 -28.99
CA ILE A 85 -19.21 15.06 -27.60
C ILE A 85 -20.48 14.65 -26.88
N THR A 86 -20.45 13.48 -26.24
CA THR A 86 -21.57 13.01 -25.43
C THR A 86 -21.12 13.00 -23.97
N ILE A 87 -21.95 13.55 -23.11
CA ILE A 87 -21.65 13.51 -21.69
C ILE A 87 -22.36 12.25 -21.25
N ILE A 88 -21.62 11.18 -20.95
CA ILE A 88 -22.32 9.90 -20.73
C ILE A 88 -22.68 9.57 -19.29
N ASP A 89 -22.08 10.28 -18.34
CA ASP A 89 -22.32 9.91 -16.95
C ASP A 89 -21.58 10.85 -16.00
N ALA A 90 -21.95 10.81 -14.72
CA ALA A 90 -21.23 11.54 -13.68
C ALA A 90 -21.74 10.99 -12.38
N PRO A 91 -20.94 11.10 -11.31
CA PRO A 91 -21.42 10.59 -10.03
C PRO A 91 -22.73 11.28 -9.63
N GLY A 92 -23.48 10.68 -8.70
CA GLY A 92 -24.67 11.30 -8.13
C GLY A 92 -25.97 10.61 -8.52
N HIS A 93 -25.90 9.42 -9.09
CA HIS A 93 -27.16 8.78 -9.39
C HIS A 93 -27.03 7.29 -9.17
N ARG A 94 -28.15 6.67 -8.84
CA ARG A 94 -28.18 5.29 -8.38
C ARG A 94 -27.20 4.35 -9.13
N ASP A 95 -27.22 4.35 -10.46
CA ASP A 95 -26.46 3.33 -11.22
C ASP A 95 -25.15 3.83 -11.79
N PHE A 96 -24.63 4.90 -11.21
CA PHE A 96 -23.37 5.43 -11.72
C PHE A 96 -22.27 4.36 -11.79
N VAL A 97 -21.96 3.73 -10.66
CA VAL A 97 -20.87 2.76 -10.58
C VAL A 97 -21.21 1.54 -11.43
N LYS A 98 -22.44 1.06 -11.37
CA LYS A 98 -22.88 -0.04 -12.21
C LYS A 98 -22.68 0.23 -13.70
N ASN A 99 -23.07 1.41 -14.18
CA ASN A 99 -22.85 1.74 -15.59
C ASN A 99 -21.37 1.69 -15.96
N MET A 100 -20.49 2.15 -15.07
CA MET A 100 -19.03 2.21 -15.40
C MET A 100 -18.44 0.79 -15.37
N ILE A 101 -18.85 0.03 -14.36
CA ILE A 101 -18.36 -1.34 -14.23
C ILE A 101 -18.82 -2.21 -15.39
N THR A 102 -20.12 -2.15 -15.75
CA THR A 102 -20.63 -3.02 -16.80
C THR A 102 -20.12 -2.58 -18.17
N GLY A 103 -19.72 -1.33 -18.29
CA GLY A 103 -19.27 -0.86 -19.58
C GLY A 103 -20.44 -0.25 -20.35
N ALA A 104 -21.61 -0.14 -19.71
CA ALA A 104 -22.74 0.56 -20.32
C ALA A 104 -22.38 2.04 -20.56
N SER A 105 -21.66 2.66 -19.65
CA SER A 105 -21.06 3.94 -19.90
C SER A 105 -19.57 3.67 -20.06
N GLN A 106 -19.02 4.06 -21.22
CA GLN A 106 -17.59 3.99 -21.51
C GLN A 106 -17.11 5.37 -21.84
N ALA A 107 -16.10 5.84 -21.14
CA ALA A 107 -15.66 7.20 -21.35
C ALA A 107 -14.30 7.28 -22.06
N ASP A 108 -14.17 8.16 -23.05
CA ASP A 108 -12.88 8.49 -23.63
C ASP A 108 -12.03 9.39 -22.72
N ALA A 109 -12.69 10.33 -22.06
CA ALA A 109 -12.03 11.29 -21.19
C ALA A 109 -12.85 11.53 -19.95
N ALA A 110 -12.17 11.90 -18.89
CA ALA A 110 -12.82 12.38 -17.69
C ALA A 110 -12.46 13.84 -17.47
N VAL A 111 -13.45 14.67 -17.15
CA VAL A 111 -13.21 16.04 -16.74
C VAL A 111 -13.26 16.00 -15.23
N LEU A 112 -12.12 16.31 -14.58
CA LEU A 112 -12.04 16.30 -13.15
C LEU A 112 -12.15 17.72 -12.61
N VAL A 113 -13.25 18.01 -11.92
CA VAL A 113 -13.55 19.33 -11.39
C VAL A 113 -13.05 19.42 -9.96
N VAL A 114 -12.17 20.39 -9.70
CA VAL A 114 -11.69 20.64 -8.35
C VAL A 114 -11.98 22.11 -8.02
N ALA A 115 -12.66 22.36 -6.90
CA ALA A 115 -13.01 23.74 -6.52
C ALA A 115 -11.78 24.50 -6.00
N ALA A 116 -11.64 25.77 -6.40
CA ALA A 116 -10.46 26.57 -6.02
C ALA A 116 -10.53 26.90 -4.55
N THR A 117 -11.73 26.93 -4.02
CA THR A 117 -12.01 27.25 -2.65
C THR A 117 -11.65 26.12 -1.66
N ASP A 118 -11.69 24.85 -2.10
CA ASP A 118 -11.40 23.70 -1.22
C ASP A 118 -10.15 22.92 -1.55
N GLY A 119 -9.67 23.01 -2.78
CA GLY A 119 -8.60 22.13 -3.21
C GLY A 119 -9.04 20.69 -3.37
N VAL A 120 -8.06 19.84 -3.65
CA VAL A 120 -8.22 18.40 -3.75
C VAL A 120 -8.65 17.84 -2.41
N MET A 121 -9.71 17.02 -2.43
CA MET A 121 -10.27 16.44 -1.23
C MET A 121 -10.14 14.91 -1.33
N PRO A 122 -10.31 14.18 -0.21
CA PRO A 122 -10.18 12.71 -0.32
C PRO A 122 -11.07 12.04 -1.41
N GLN A 123 -12.31 12.48 -1.56
CA GLN A 123 -13.14 11.91 -2.62
C GLN A 123 -12.67 12.29 -4.06
N THR A 124 -11.97 13.40 -4.21
CA THR A 124 -11.37 13.79 -5.51
C THR A 124 -10.41 12.73 -5.97
N LYS A 125 -9.60 12.28 -5.00
CA LYS A 125 -8.56 11.32 -5.28
C LYS A 125 -9.19 9.97 -5.60
N GLU A 126 -10.19 9.56 -4.81
CA GLU A 126 -10.95 8.34 -5.12
C GLU A 126 -11.51 8.31 -6.56
N HIS A 127 -12.09 9.41 -7.04
CA HIS A 127 -12.63 9.39 -8.45
C HIS A 127 -11.54 9.29 -9.50
N ALA A 128 -10.43 9.98 -9.27
CA ALA A 128 -9.28 9.79 -10.12
C ALA A 128 -8.88 8.30 -10.20
N PHE A 129 -8.78 7.61 -9.06
CA PHE A 129 -8.48 6.17 -9.12
C PHE A 129 -9.51 5.39 -9.92
N LEU A 130 -10.78 5.73 -9.77
CA LEU A 130 -11.83 5.06 -10.49
C LEU A 130 -11.58 5.28 -11.99
N ALA A 131 -11.17 6.50 -12.37
CA ALA A 131 -10.91 6.81 -13.76
C ALA A 131 -9.74 5.97 -14.30
N ARG A 132 -8.62 5.91 -13.59
CA ARG A 132 -7.50 5.05 -14.02
C ARG A 132 -7.93 3.58 -14.14
N THR A 133 -8.61 3.08 -13.12
CA THR A 133 -9.10 1.70 -13.09
C THR A 133 -9.90 1.34 -14.37
N LEU A 134 -10.79 2.25 -14.81
CA LEU A 134 -11.66 1.98 -15.96
C LEU A 134 -10.91 2.03 -17.28
N GLY A 135 -9.67 2.50 -17.25
CA GLY A 135 -8.92 2.65 -18.49
C GLY A 135 -9.10 4.00 -19.21
N ILE A 136 -9.68 4.98 -18.52
CA ILE A 136 -9.80 6.32 -19.08
C ILE A 136 -8.41 6.97 -19.21
N LYS A 137 -7.94 7.13 -20.43
CA LYS A 137 -6.53 7.61 -20.65
C LYS A 137 -6.40 9.14 -20.63
N HIS A 138 -7.51 9.84 -20.86
CA HIS A 138 -7.43 11.30 -21.04
C HIS A 138 -8.17 12.05 -19.92
N ILE A 139 -7.41 12.83 -19.16
CA ILE A 139 -7.94 13.63 -18.07
C ILE A 139 -7.84 15.12 -18.41
N ILE A 140 -8.89 15.85 -18.06
CA ILE A 140 -8.88 17.28 -18.23
C ILE A 140 -9.33 17.73 -16.86
N VAL A 141 -8.48 18.53 -16.23
CA VAL A 141 -8.78 19.10 -14.93
C VAL A 141 -9.24 20.53 -15.12
N THR A 142 -10.33 20.86 -14.44
CA THR A 142 -10.70 22.23 -14.23
C THR A 142 -10.52 22.60 -12.74
N ILE A 143 -10.00 23.80 -12.52
CA ILE A 143 -9.98 24.35 -11.19
C ILE A 143 -11.06 25.42 -11.14
N ASN A 144 -12.18 25.02 -10.57
CA ASN A 144 -13.44 25.75 -10.65
C ASN A 144 -13.62 26.72 -9.51
N LYS A 145 -14.70 27.52 -9.58
CA LYS A 145 -15.02 28.60 -8.62
C LYS A 145 -13.92 29.66 -8.50
N MET A 146 -13.25 29.93 -9.61
CA MET A 146 -12.19 30.94 -9.60
C MET A 146 -12.67 32.33 -9.11
N ASP A 147 -13.93 32.63 -9.41
CA ASP A 147 -14.59 33.88 -8.98
C ASP A 147 -14.67 34.01 -7.49
N MET A 148 -14.70 32.90 -6.77
CA MET A 148 -14.80 32.95 -5.33
C MET A 148 -13.45 33.13 -4.64
N VAL A 149 -12.38 33.11 -5.43
CA VAL A 149 -11.05 33.40 -4.89
C VAL A 149 -10.39 34.56 -5.63
N ASN A 150 -11.22 35.46 -6.16
CA ASN A 150 -10.77 36.71 -6.82
C ASN A 150 -9.93 36.52 -8.08
N TYR A 151 -10.12 35.38 -8.74
CA TYR A 151 -9.42 35.04 -9.99
C TYR A 151 -7.92 34.98 -9.83
N ASP A 152 -7.48 34.72 -8.60
CA ASP A 152 -6.09 34.76 -8.20
C ASP A 152 -5.22 33.58 -8.66
N GLN A 153 -4.13 33.93 -9.34
CA GLN A 153 -3.18 32.96 -9.91
C GLN A 153 -2.54 32.05 -8.86
N LYS A 154 -2.17 32.65 -7.72
CA LYS A 154 -1.51 31.94 -6.61
C LYS A 154 -2.40 30.82 -6.08
N VAL A 155 -3.68 31.12 -5.84
CA VAL A 155 -4.65 30.08 -5.44
C VAL A 155 -4.73 28.98 -6.51
N PHE A 156 -5.00 29.36 -7.75
CA PHE A 156 -4.94 28.43 -8.88
C PHE A 156 -3.68 27.55 -8.84
N GLU A 157 -2.53 28.19 -8.68
CA GLU A 157 -1.24 27.49 -8.74
C GLU A 157 -1.08 26.50 -7.57
N LYS A 158 -1.62 26.85 -6.43
CA LYS A 158 -1.52 25.99 -5.26
C LYS A 158 -2.41 24.75 -5.43
N VAL A 159 -3.60 24.93 -6.03
CA VAL A 159 -4.49 23.76 -6.26
C VAL A 159 -3.97 22.90 -7.42
N LYS A 160 -3.42 23.56 -8.42
CA LYS A 160 -2.84 22.87 -9.58
C LYS A 160 -1.75 21.92 -9.12
N ALA A 161 -0.88 22.41 -8.24
CA ALA A 161 0.21 21.60 -7.68
C ALA A 161 -0.34 20.40 -6.93
N GLN A 162 -1.40 20.58 -6.15
CA GLN A 162 -2.07 19.43 -5.51
C GLN A 162 -2.53 18.42 -6.55
N VAL A 163 -3.18 18.94 -7.60
CA VAL A 163 -3.73 18.11 -8.68
C VAL A 163 -2.63 17.37 -9.47
N GLU A 164 -1.56 18.08 -9.78
CA GLU A 164 -0.39 17.51 -10.46
C GLU A 164 0.20 16.37 -9.65
N LYS A 165 0.26 16.56 -8.34
CA LYS A 165 0.87 15.59 -7.46
C LYS A 165 0.02 14.34 -7.46
N LEU A 166 -1.28 14.53 -7.33
CA LEU A 166 -2.21 13.40 -7.35
C LEU A 166 -2.17 12.63 -8.67
N LEU A 167 -2.32 13.33 -9.79
CA LEU A 167 -2.49 12.64 -11.09
C LEU A 167 -1.19 12.02 -11.60
N LYS A 168 -0.05 12.67 -11.32
CA LYS A 168 1.26 12.06 -11.63
C LYS A 168 1.46 10.73 -10.87
N THR A 169 1.06 10.70 -9.60
CA THR A 169 1.23 9.52 -8.76
C THR A 169 0.45 8.37 -9.37
N LEU A 170 -0.69 8.71 -9.98
CA LEU A 170 -1.57 7.77 -10.65
C LEU A 170 -1.09 7.37 -12.04
N GLY A 171 -0.16 8.14 -12.60
CA GLY A 171 0.45 7.76 -13.86
C GLY A 171 0.10 8.62 -15.06
N TYR A 172 -0.80 9.60 -14.88
CA TYR A 172 -1.12 10.54 -15.95
C TYR A 172 -0.05 11.60 -16.07
N LYS A 173 -0.09 12.35 -17.18
CA LYS A 173 0.95 13.30 -17.57
C LYS A 173 0.41 14.24 -18.64
N ASP A 174 0.79 15.51 -18.57
CA ASP A 174 0.46 16.50 -19.64
C ASP A 174 -1.05 16.72 -19.92
N PHE A 175 -1.88 16.47 -18.91
CA PHE A 175 -3.29 16.84 -18.93
C PHE A 175 -3.37 18.36 -18.73
N PRO A 176 -4.40 19.01 -19.30
CA PRO A 176 -4.56 20.45 -19.06
C PRO A 176 -5.14 20.72 -17.67
N VAL A 177 -4.84 21.90 -17.14
CA VAL A 177 -5.41 22.36 -15.89
C VAL A 177 -5.92 23.76 -16.13
N ILE A 178 -7.24 23.90 -16.14
CA ILE A 178 -7.88 25.11 -16.64
C ILE A 178 -8.63 25.79 -15.50
N PRO A 179 -8.33 27.07 -15.28
CA PRO A 179 -9.08 27.83 -14.28
C PRO A 179 -10.41 28.25 -14.87
N THR A 180 -11.50 27.91 -14.18
CA THR A 180 -12.82 28.21 -14.69
C THR A 180 -13.70 28.85 -13.63
N SER A 181 -14.76 29.52 -14.09
CA SER A 181 -15.93 29.80 -13.27
C SER A 181 -17.14 29.28 -14.03
N ALA A 182 -17.64 28.09 -13.64
CA ALA A 182 -18.84 27.56 -14.34
C ALA A 182 -19.94 28.60 -14.18
N TRP A 183 -19.99 29.23 -13.01
CA TRP A 183 -21.07 30.15 -12.70
C TRP A 183 -21.08 31.44 -13.58
N ASN A 184 -19.94 32.10 -13.74
CA ASN A 184 -19.86 33.29 -14.59
C ASN A 184 -19.49 32.95 -16.03
N GLY A 185 -18.88 31.78 -16.24
CA GLY A 185 -18.59 31.33 -17.59
C GLY A 185 -17.13 31.25 -17.99
N ASP A 186 -16.25 31.87 -17.19
CA ASP A 186 -14.83 31.99 -17.52
C ASP A 186 -14.19 30.68 -17.90
N ASN A 187 -13.64 30.65 -19.12
CA ASN A 187 -12.85 29.52 -19.62
C ASN A 187 -13.58 28.18 -19.76
N VAL A 188 -14.91 28.21 -19.66
CA VAL A 188 -15.69 26.99 -19.95
C VAL A 188 -15.88 26.91 -21.47
N VAL A 189 -16.66 27.82 -22.03
CA VAL A 189 -16.75 28.00 -23.49
C VAL A 189 -16.05 29.28 -23.99
N LYS A 190 -16.31 30.41 -23.33
CA LYS A 190 -15.73 31.70 -23.69
C LYS A 190 -14.45 31.95 -22.90
N LYS A 191 -13.39 32.35 -23.59
CA LYS A 191 -12.14 32.73 -22.94
C LYS A 191 -12.46 33.81 -21.91
N SER A 192 -11.86 33.68 -20.72
CA SER A 192 -12.01 34.67 -19.67
C SER A 192 -11.32 35.97 -20.03
N ASP A 193 -11.80 37.09 -19.48
CA ASP A 193 -11.01 38.34 -19.50
C ASP A 193 -10.54 38.74 -18.09
N LYS A 194 -10.67 37.80 -17.15
CA LYS A 194 -10.36 38.08 -15.74
C LYS A 194 -9.07 37.39 -15.33
N MET A 195 -8.57 36.53 -16.21
CA MET A 195 -7.37 35.74 -15.89
C MET A 195 -6.29 35.84 -16.99
N PRO A 196 -5.74 37.06 -17.20
CA PRO A 196 -4.75 37.23 -18.26
C PRO A 196 -3.54 36.30 -18.07
N TRP A 197 -3.34 35.81 -16.83
CA TRP A 197 -2.16 35.01 -16.53
C TRP A 197 -2.26 33.59 -17.10
N TYR A 198 -3.45 33.19 -17.56
CA TYR A 198 -3.63 31.85 -18.14
C TYR A 198 -3.68 31.88 -19.68
N ASN A 199 -2.91 31.04 -20.35
CA ASN A 199 -2.87 31.08 -21.81
C ASN A 199 -3.23 29.76 -22.50
N GLY A 200 -3.58 28.74 -21.71
CA GLY A 200 -3.93 27.40 -22.22
C GLY A 200 -5.34 27.31 -22.81
N PRO A 201 -5.80 26.10 -23.14
CA PRO A 201 -7.15 25.92 -23.72
C PRO A 201 -8.31 26.27 -22.79
N THR A 202 -9.46 26.65 -23.36
CA THR A 202 -10.72 26.64 -22.63
C THR A 202 -11.16 25.18 -22.41
N LEU A 203 -12.12 24.96 -21.53
CA LEU A 203 -12.61 23.57 -21.38
C LEU A 203 -13.12 23.01 -22.74
N ILE A 204 -13.91 23.78 -23.48
CA ILE A 204 -14.45 23.29 -24.75
C ILE A 204 -13.37 23.03 -25.84
N GLU A 205 -12.31 23.85 -25.86
CA GLU A 205 -11.12 23.60 -26.67
C GLU A 205 -10.40 22.31 -26.27
N ALA A 206 -10.23 22.08 -24.98
CA ALA A 206 -9.61 20.84 -24.49
C ALA A 206 -10.46 19.62 -24.85
N LEU A 207 -11.78 19.78 -24.80
CA LEU A 207 -12.69 18.72 -25.23
C LEU A 207 -12.53 18.42 -26.72
N ASP A 208 -12.36 19.47 -27.50
CA ASP A 208 -12.18 19.35 -28.94
C ASP A 208 -10.94 18.54 -29.34
N GLN A 209 -9.98 18.40 -28.43
CA GLN A 209 -8.69 17.76 -28.70
C GLN A 209 -8.56 16.36 -28.07
N ILE A 210 -9.65 15.80 -27.57
CA ILE A 210 -9.61 14.45 -27.00
C ILE A 210 -9.31 13.49 -28.14
N PRO A 211 -8.24 12.68 -28.02
CA PRO A 211 -7.88 11.78 -29.12
C PRO A 211 -8.86 10.61 -29.25
N GLU A 212 -9.02 10.09 -30.48
CA GLU A 212 -9.88 8.94 -30.75
C GLU A 212 -9.40 7.73 -29.95
N PRO A 213 -10.32 6.85 -29.51
CA PRO A 213 -9.83 5.72 -28.66
C PRO A 213 -8.97 4.73 -29.42
N GLU A 214 -8.02 4.10 -28.71
CA GLU A 214 -7.23 3.04 -29.30
C GLU A 214 -8.18 1.98 -29.88
N LYS A 215 -7.86 1.51 -31.08
CA LYS A 215 -8.69 0.55 -31.77
C LYS A 215 -8.39 -0.88 -31.27
N PRO A 216 -9.44 -1.70 -31.11
CA PRO A 216 -9.32 -3.12 -30.75
C PRO A 216 -8.31 -3.89 -31.61
N ILE A 217 -8.21 -3.56 -32.89
CA ILE A 217 -7.29 -4.21 -33.81
C ILE A 217 -5.85 -3.96 -33.41
N ASP A 218 -5.61 -2.91 -32.64
CA ASP A 218 -4.23 -2.56 -32.29
C ASP A 218 -3.80 -3.11 -30.92
N LYS A 219 -4.76 -3.69 -30.21
CA LYS A 219 -4.49 -4.40 -28.97
C LYS A 219 -4.00 -5.80 -29.32
N PRO A 220 -3.34 -6.50 -28.37
CA PRO A 220 -2.84 -7.83 -28.71
C PRO A 220 -3.99 -8.76 -29.01
N LEU A 221 -3.73 -9.74 -29.87
CA LEU A 221 -4.77 -10.67 -30.27
C LEU A 221 -5.35 -11.46 -29.08
N ARG A 222 -6.69 -11.49 -29.00
CA ARG A 222 -7.37 -12.36 -28.05
C ARG A 222 -8.58 -12.95 -28.73
N ILE A 223 -8.66 -14.28 -28.73
CA ILE A 223 -9.83 -14.99 -29.26
C ILE A 223 -10.36 -16.02 -28.27
N PRO A 224 -11.44 -15.68 -27.54
CA PRO A 224 -12.09 -16.60 -26.65
C PRO A 224 -12.74 -17.71 -27.42
N ILE A 225 -12.48 -18.94 -27.00
CA ILE A 225 -12.93 -20.09 -27.72
C ILE A 225 -14.31 -20.51 -27.20
N GLN A 226 -15.25 -20.61 -28.14
CA GLN A 226 -16.64 -21.01 -27.87
C GLN A 226 -16.80 -22.49 -27.95
N ASP A 227 -16.15 -23.12 -28.93
CA ASP A 227 -16.40 -24.53 -29.21
C ASP A 227 -15.15 -25.03 -29.95
N VAL A 228 -14.98 -26.34 -30.07
CA VAL A 228 -13.86 -26.92 -30.79
C VAL A 228 -14.33 -28.13 -31.59
N TYR A 229 -13.99 -28.15 -32.88
CA TYR A 229 -14.28 -29.30 -33.70
C TYR A 229 -13.04 -30.05 -34.10
N SER A 230 -13.23 -31.33 -34.39
CA SER A 230 -12.22 -32.15 -34.97
C SER A 230 -12.79 -32.75 -36.26
N ILE A 231 -12.41 -32.17 -37.39
CA ILE A 231 -12.95 -32.60 -38.65
C ILE A 231 -12.01 -33.61 -39.35
N LYS A 232 -12.59 -34.75 -39.76
CA LYS A 232 -11.83 -35.85 -40.37
C LYS A 232 -11.04 -35.34 -41.58
N GLY A 233 -9.75 -35.65 -41.58
CA GLY A 233 -8.82 -35.17 -42.62
C GLY A 233 -8.67 -33.65 -42.75
N VAL A 234 -8.84 -32.92 -41.66
CA VAL A 234 -8.53 -31.48 -41.62
C VAL A 234 -7.88 -31.13 -40.29
N GLY A 235 -8.41 -31.74 -39.23
CA GLY A 235 -7.87 -31.62 -37.89
C GLY A 235 -8.72 -30.69 -37.05
N THR A 236 -8.07 -30.18 -36.01
CA THR A 236 -8.70 -29.39 -34.95
C THR A 236 -9.08 -28.01 -35.42
N VAL A 237 -10.34 -27.64 -35.17
CA VAL A 237 -10.88 -26.36 -35.59
C VAL A 237 -11.59 -25.73 -34.39
N PRO A 238 -10.89 -24.85 -33.64
CA PRO A 238 -11.59 -24.06 -32.63
C PRO A 238 -12.47 -23.04 -33.30
N VAL A 239 -13.49 -22.58 -32.57
CA VAL A 239 -14.42 -21.56 -33.02
C VAL A 239 -14.52 -20.54 -31.91
N GLY A 240 -14.52 -19.26 -32.29
CA GLY A 240 -14.68 -18.18 -31.33
C GLY A 240 -14.72 -16.84 -32.03
N ARG A 241 -14.78 -15.76 -31.25
CA ARG A 241 -14.76 -14.39 -31.77
C ARG A 241 -13.41 -13.70 -31.56
N VAL A 242 -12.87 -13.07 -32.60
CA VAL A 242 -11.73 -12.19 -32.46
C VAL A 242 -12.17 -10.94 -31.67
N GLU A 243 -11.67 -10.78 -30.44
CA GLU A 243 -12.04 -9.62 -29.62
C GLU A 243 -11.11 -8.47 -29.88
N THR A 244 -9.81 -8.77 -30.02
CA THR A 244 -8.80 -7.75 -30.22
C THR A 244 -7.71 -8.30 -31.12
N GLY A 245 -6.89 -7.41 -31.67
CA GLY A 245 -5.84 -7.80 -32.60
C GLY A 245 -6.38 -8.34 -33.91
N LYS A 246 -5.53 -9.04 -34.66
CA LYS A 246 -5.94 -9.65 -35.90
C LYS A 246 -5.26 -11.01 -36.14
N LEU A 247 -5.99 -11.88 -36.82
CA LEU A 247 -5.52 -13.23 -37.06
C LEU A 247 -5.29 -13.48 -38.56
N LYS A 248 -4.11 -13.99 -38.88
CA LYS A 248 -3.73 -14.32 -40.24
C LYS A 248 -3.37 -15.80 -40.40
N VAL A 249 -3.75 -16.35 -41.56
CA VAL A 249 -3.27 -17.63 -42.02
C VAL A 249 -1.74 -17.50 -41.99
N GLY A 250 -1.09 -18.53 -41.45
CA GLY A 250 0.33 -18.45 -41.25
C GLY A 250 0.74 -18.11 -39.83
N ASP A 251 -0.12 -17.42 -39.08
CA ASP A 251 0.21 -17.04 -37.68
C ASP A 251 0.36 -18.26 -36.78
N VAL A 252 1.21 -18.13 -35.77
CA VAL A 252 1.25 -19.10 -34.69
C VAL A 252 0.43 -18.49 -33.55
N VAL A 253 -0.49 -19.30 -33.02
CA VAL A 253 -1.28 -18.96 -31.83
C VAL A 253 -1.10 -19.99 -30.70
N ILE A 254 -1.14 -19.50 -29.47
CA ILE A 254 -1.02 -20.30 -28.26
C ILE A 254 -2.35 -20.18 -27.48
N PHE A 255 -2.73 -21.26 -26.79
CA PHE A 255 -3.98 -21.32 -26.05
C PHE A 255 -3.69 -21.36 -24.57
N GLU A 256 -4.37 -20.47 -23.86
CA GLU A 256 -4.31 -20.38 -22.41
C GLU A 256 -5.75 -20.40 -21.91
N PRO A 257 -6.01 -21.01 -20.74
CA PRO A 257 -4.99 -21.60 -19.86
C PRO A 257 -4.52 -23.02 -20.21
N ALA A 258 -5.01 -23.59 -21.33
CA ALA A 258 -4.49 -24.87 -21.86
C ALA A 258 -2.98 -25.05 -21.64
N SER A 259 -2.16 -24.10 -22.12
CA SER A 259 -0.68 -24.21 -21.97
C SER A 259 -0.21 -24.31 -20.52
N THR A 260 -0.83 -23.53 -19.66
CA THR A 260 -0.50 -23.53 -18.23
C THR A 260 -0.94 -24.83 -17.56
N ILE A 261 -2.16 -25.28 -17.84
CA ILE A 261 -2.67 -26.51 -17.25
C ILE A 261 -1.81 -27.68 -17.70
N PHE A 262 -1.38 -27.70 -18.96
CA PHE A 262 -0.63 -28.86 -19.47
C PHE A 262 0.89 -28.78 -19.27
N HIS A 263 1.38 -27.62 -18.79
CA HIS A 263 2.81 -27.43 -18.56
C HIS A 263 3.64 -27.60 -19.82
N LYS A 264 3.02 -27.29 -20.96
CA LYS A 264 3.69 -27.27 -22.26
C LYS A 264 2.87 -26.34 -23.14
N PRO A 265 3.50 -25.78 -24.20
CA PRO A 265 2.79 -24.89 -25.09
C PRO A 265 1.78 -25.65 -25.92
N ILE A 266 0.52 -25.27 -25.79
CA ILE A 266 -0.51 -25.74 -26.69
C ILE A 266 -0.67 -24.60 -27.67
N GLN A 267 -0.16 -24.83 -28.86
CA GLN A 267 0.04 -23.79 -29.87
C GLN A 267 0.33 -24.43 -31.20
N GLY A 268 0.05 -23.71 -32.28
CA GLY A 268 0.39 -24.19 -33.59
C GLY A 268 0.12 -23.13 -34.64
N GLU A 269 0.35 -23.49 -35.89
CA GLU A 269 0.22 -22.60 -37.04
C GLU A 269 -1.20 -22.65 -37.59
N VAL A 270 -1.75 -21.47 -37.88
CA VAL A 270 -3.08 -21.36 -38.47
C VAL A 270 -3.05 -21.80 -39.94
N LYS A 271 -3.57 -23.01 -40.20
CA LYS A 271 -3.62 -23.57 -41.56
C LYS A 271 -4.70 -22.84 -42.39
N SER A 272 -5.82 -22.48 -41.76
CA SER A 272 -6.92 -21.80 -42.46
C SER A 272 -7.96 -21.22 -41.50
N ILE A 273 -8.70 -20.24 -42.01
CA ILE A 273 -9.70 -19.50 -41.24
C ILE A 273 -11.02 -19.53 -42.00
N GLU A 274 -12.15 -19.65 -41.29
CA GLU A 274 -13.43 -19.48 -41.97
C GLU A 274 -14.56 -18.82 -41.15
N MET A 275 -15.29 -17.92 -41.81
CA MET A 275 -16.47 -17.28 -41.24
C MET A 275 -17.63 -17.54 -42.20
N HIS A 276 -18.82 -17.80 -41.65
CA HIS A 276 -19.97 -18.26 -42.45
C HIS A 276 -19.57 -19.35 -43.46
N HIS A 277 -18.74 -20.30 -43.02
CA HIS A 277 -18.32 -21.45 -43.84
C HIS A 277 -17.63 -21.08 -45.16
N GLU A 278 -17.03 -19.90 -45.21
CA GLU A 278 -16.30 -19.42 -46.37
C GLU A 278 -14.91 -18.96 -45.95
N PRO A 279 -13.86 -19.40 -46.67
CA PRO A 279 -12.44 -19.09 -46.40
C PRO A 279 -12.10 -17.59 -46.24
N LEU A 280 -11.22 -17.26 -45.28
CA LEU A 280 -10.65 -15.90 -45.11
C LEU A 280 -9.12 -16.00 -44.99
N GLN A 281 -8.39 -14.97 -45.41
CA GLN A 281 -6.93 -14.91 -45.18
C GLN A 281 -6.57 -14.15 -43.90
N GLU A 282 -7.48 -13.28 -43.44
CA GLU A 282 -7.31 -12.64 -42.13
C GLU A 282 -8.63 -12.33 -41.43
N ALA A 283 -8.66 -12.52 -40.10
CA ALA A 283 -9.84 -12.22 -39.28
C ALA A 283 -9.63 -10.99 -38.44
N LEU A 284 -10.69 -10.19 -38.35
CA LEU A 284 -10.68 -8.88 -37.68
C LEU A 284 -11.58 -8.83 -36.42
N PRO A 285 -11.37 -7.82 -35.57
CA PRO A 285 -12.20 -7.74 -34.36
C PRO A 285 -13.67 -7.82 -34.71
N GLY A 286 -14.42 -8.63 -33.98
CA GLY A 286 -15.85 -8.81 -34.23
C GLY A 286 -16.18 -10.01 -35.09
N ASP A 287 -15.19 -10.54 -35.81
CA ASP A 287 -15.43 -11.72 -36.65
C ASP A 287 -15.64 -13.01 -35.86
N ASN A 288 -16.72 -13.71 -36.18
CA ASN A 288 -16.94 -15.06 -35.68
C ASN A 288 -16.39 -16.13 -36.62
N ILE A 289 -15.33 -16.79 -36.17
CA ILE A 289 -14.54 -17.62 -37.07
C ILE A 289 -14.37 -19.05 -36.59
N GLY A 290 -14.14 -19.94 -37.56
CA GLY A 290 -13.48 -21.21 -37.31
C GLY A 290 -12.03 -21.13 -37.82
N PHE A 291 -11.11 -21.78 -37.14
CA PHE A 291 -9.73 -21.82 -37.61
C PHE A 291 -9.08 -23.18 -37.38
N ASN A 292 -8.41 -23.66 -38.41
CA ASN A 292 -7.73 -24.93 -38.34
C ASN A 292 -6.32 -24.67 -37.85
N VAL A 293 -5.98 -25.28 -36.72
CA VAL A 293 -4.67 -25.16 -36.12
C VAL A 293 -3.94 -26.49 -36.17
N ARG A 294 -2.79 -26.51 -36.85
CA ARG A 294 -1.98 -27.73 -36.94
C ARG A 294 -1.31 -28.04 -35.62
N GLY A 295 -1.15 -29.33 -35.33
CA GLY A 295 -0.35 -29.79 -34.21
C GLY A 295 -1.02 -29.58 -32.86
N VAL A 296 -2.29 -29.17 -32.89
CA VAL A 296 -3.07 -29.04 -31.67
C VAL A 296 -4.14 -30.13 -31.69
N SER A 297 -4.21 -30.90 -30.61
CA SER A 297 -5.16 -31.99 -30.53
C SER A 297 -6.51 -31.47 -30.04
N LYS A 298 -7.60 -32.02 -30.59
CA LYS A 298 -8.95 -31.67 -30.14
C LYS A 298 -9.04 -31.63 -28.63
N ASN A 299 -8.48 -32.63 -27.97
CA ASN A 299 -8.53 -32.73 -26.52
C ASN A 299 -7.72 -31.67 -25.75
N ASP A 300 -6.83 -30.96 -26.44
CA ASP A 300 -5.92 -30.02 -25.79
C ASP A 300 -6.62 -28.68 -25.54
N ILE A 301 -7.71 -28.41 -26.24
CA ILE A 301 -8.38 -27.12 -26.11
C ILE A 301 -9.88 -27.29 -25.95
N LYS A 302 -10.51 -26.28 -25.35
CA LYS A 302 -11.90 -26.39 -25.02
C LYS A 302 -12.52 -25.02 -24.83
N ARG A 303 -13.85 -25.00 -24.68
CA ARG A 303 -14.61 -23.78 -24.48
C ARG A 303 -14.02 -23.04 -23.31
N GLY A 304 -13.78 -21.74 -23.42
CA GLY A 304 -13.19 -21.01 -22.28
C GLY A 304 -11.67 -20.89 -22.35
N ASP A 305 -11.02 -21.66 -23.22
CA ASP A 305 -9.63 -21.28 -23.62
C ASP A 305 -9.65 -19.98 -24.39
N VAL A 306 -8.50 -19.31 -24.47
CA VAL A 306 -8.34 -18.10 -25.26
C VAL A 306 -7.03 -18.23 -26.06
N ALA A 307 -7.10 -17.90 -27.36
CA ALA A 307 -5.95 -17.87 -28.26
C ALA A 307 -5.34 -16.47 -28.34
N GLY A 308 -4.01 -16.42 -28.42
CA GLY A 308 -3.27 -15.16 -28.66
C GLY A 308 -2.00 -15.46 -29.47
N HIS A 309 -1.28 -14.43 -29.90
CA HIS A 309 0.01 -14.68 -30.53
C HIS A 309 0.97 -15.05 -29.43
N THR A 310 2.09 -15.70 -29.78
CA THR A 310 3.05 -16.20 -28.77
C THR A 310 3.82 -15.01 -28.16
N ASP A 311 3.87 -13.94 -28.95
CA ASP A 311 4.33 -12.61 -28.63
C ASP A 311 3.73 -12.10 -27.29
N LYS A 312 2.40 -12.04 -27.23
CA LYS A 312 1.70 -11.56 -26.06
C LYS A 312 0.56 -12.53 -25.70
N PRO A 313 0.92 -13.65 -25.07
CA PRO A 313 -0.05 -14.71 -24.78
C PRO A 313 -1.11 -14.18 -23.81
N PRO A 314 -2.33 -14.76 -23.87
CA PRO A 314 -3.40 -14.30 -22.96
C PRO A 314 -2.96 -14.48 -21.53
N THR A 315 -3.23 -13.49 -20.67
CA THR A 315 -2.85 -13.57 -19.25
C THR A 315 -3.69 -14.60 -18.51
N VAL A 316 -3.02 -15.42 -17.71
CA VAL A 316 -3.67 -16.46 -16.92
C VAL A 316 -3.63 -16.18 -15.42
N VAL A 317 -4.77 -16.31 -14.73
CA VAL A 317 -4.76 -16.33 -13.27
C VAL A 317 -4.84 -17.80 -12.85
N ARG A 318 -3.80 -18.30 -12.17
CA ARG A 318 -3.73 -19.72 -11.75
C ARG A 318 -4.39 -19.75 -10.39
N THR A 319 -4.65 -20.95 -9.88
CA THR A 319 -5.21 -21.12 -8.53
C THR A 319 -4.32 -20.62 -7.42
N LYS A 320 -3.02 -20.58 -7.69
CA LYS A 320 -2.07 -19.98 -6.75
C LYS A 320 -1.96 -18.46 -6.90
N ASP A 321 -2.69 -17.88 -7.86
CA ASP A 321 -2.72 -16.43 -8.03
C ASP A 321 -4.00 -15.85 -7.40
N THR A 322 -4.08 -14.53 -7.29
CA THR A 322 -5.37 -13.90 -7.03
C THR A 322 -5.55 -12.81 -8.07
N PHE A 323 -6.77 -12.31 -8.17
CA PHE A 323 -6.97 -11.04 -8.85
C PHE A 323 -7.88 -10.17 -8.05
N LYS A 324 -7.80 -8.88 -8.36
CA LYS A 324 -8.51 -7.84 -7.65
C LYS A 324 -9.51 -7.26 -8.61
N ALA A 325 -10.73 -7.04 -8.15
CA ALA A 325 -11.83 -6.62 -9.02
C ALA A 325 -12.64 -5.56 -8.28
N GLN A 326 -13.26 -4.66 -9.02
CA GLN A 326 -14.33 -3.88 -8.45
C GLN A 326 -15.65 -4.43 -8.93
N ILE A 327 -16.57 -4.65 -8.01
CA ILE A 327 -17.84 -5.26 -8.34
C ILE A 327 -19.02 -4.39 -7.93
N ILE A 328 -20.18 -4.63 -8.54
CA ILE A 328 -21.43 -4.13 -8.03
C ILE A 328 -22.28 -5.36 -7.70
N VAL A 329 -22.85 -5.39 -6.49
CA VAL A 329 -23.70 -6.50 -6.09
C VAL A 329 -25.12 -6.28 -6.60
N LEU A 330 -25.57 -7.16 -7.49
CA LEU A 330 -26.86 -7.00 -8.17
C LEU A 330 -27.95 -7.73 -7.48
N ASN A 331 -27.63 -8.90 -6.94
CA ASN A 331 -28.65 -9.72 -6.35
C ASN A 331 -28.13 -10.70 -5.30
N HIS A 332 -28.01 -10.24 -4.08
CA HIS A 332 -27.62 -11.13 -3.01
C HIS A 332 -28.07 -10.39 -1.77
N PRO A 333 -29.30 -10.65 -1.32
CA PRO A 333 -29.79 -9.85 -0.21
C PRO A 333 -29.14 -10.21 1.14
N THR A 334 -28.75 -11.48 1.34
CA THR A 334 -27.99 -11.85 2.56
C THR A 334 -26.56 -11.40 2.44
N ALA A 335 -25.83 -11.48 3.54
CA ALA A 335 -24.47 -10.98 3.58
C ALA A 335 -23.49 -11.79 2.70
N ILE A 336 -22.68 -11.09 1.89
CA ILE A 336 -21.52 -11.72 1.26
C ILE A 336 -20.33 -11.43 2.18
N THR A 337 -19.62 -12.50 2.57
CA THR A 337 -18.46 -12.39 3.44
C THR A 337 -17.31 -13.18 2.82
N VAL A 338 -16.08 -12.92 3.29
CA VAL A 338 -14.88 -13.64 2.90
C VAL A 338 -15.20 -15.11 2.92
N GLY A 339 -14.79 -15.85 1.90
CA GLY A 339 -15.11 -17.26 1.86
C GLY A 339 -16.30 -17.59 0.96
N TYR A 340 -17.13 -16.60 0.64
CA TYR A 340 -18.14 -16.78 -0.43
C TYR A 340 -17.52 -17.44 -1.69
N SER A 341 -18.13 -18.51 -2.20
CA SER A 341 -17.55 -19.20 -3.36
C SER A 341 -18.52 -19.45 -4.52
N PRO A 342 -18.96 -18.38 -5.19
CA PRO A 342 -19.82 -18.52 -6.36
C PRO A 342 -19.03 -18.87 -7.64
N VAL A 343 -19.64 -18.67 -8.80
CA VAL A 343 -19.05 -19.02 -10.12
C VAL A 343 -18.86 -17.73 -10.94
N LEU A 344 -17.69 -17.57 -11.50
CA LEU A 344 -17.39 -16.38 -12.29
C LEU A 344 -17.54 -16.74 -13.75
N HIS A 345 -18.24 -15.92 -14.51
CA HIS A 345 -18.39 -16.06 -15.96
C HIS A 345 -17.69 -14.89 -16.61
N ALA A 346 -16.74 -15.15 -17.49
CA ALA A 346 -16.08 -14.10 -18.29
C ALA A 346 -15.76 -14.67 -19.65
N HIS A 347 -16.08 -13.90 -20.68
CA HIS A 347 -15.94 -14.28 -22.07
C HIS A 347 -16.55 -15.68 -22.25
N THR A 348 -15.79 -16.73 -22.49
CA THR A 348 -16.45 -18.01 -22.64
C THR A 348 -16.19 -18.96 -21.45
N ALA A 349 -15.45 -18.49 -20.44
CA ALA A 349 -15.11 -19.35 -19.35
C ALA A 349 -16.08 -19.22 -18.18
N GLN A 350 -16.14 -20.30 -17.42
CA GLN A 350 -16.78 -20.28 -16.12
C GLN A 350 -16.01 -21.08 -15.11
N ILE A 351 -15.64 -20.43 -13.99
CA ILE A 351 -14.87 -21.10 -12.96
C ILE A 351 -15.34 -20.68 -11.57
N PRO A 352 -15.27 -21.61 -10.62
CA PRO A 352 -15.53 -21.19 -9.25
C PRO A 352 -14.45 -20.23 -8.77
N VAL A 353 -14.87 -19.37 -7.88
CA VAL A 353 -13.98 -18.34 -7.41
C VAL A 353 -14.25 -18.21 -5.91
N ARG A 354 -13.22 -17.91 -5.13
CA ARG A 354 -13.42 -17.65 -3.71
C ARG A 354 -13.11 -16.16 -3.39
N PHE A 355 -13.98 -15.54 -2.58
CA PHE A 355 -13.77 -14.21 -2.05
C PHE A 355 -12.76 -14.29 -0.92
N GLU A 356 -11.53 -13.80 -1.12
CA GLU A 356 -10.46 -13.90 -0.13
C GLU A 356 -10.40 -12.71 0.79
N GLN A 357 -10.69 -11.53 0.24
CA GLN A 357 -10.71 -10.30 1.01
C GLN A 357 -11.74 -9.36 0.41
N ILE A 358 -12.42 -8.63 1.27
CA ILE A 358 -13.19 -7.51 0.83
C ILE A 358 -12.45 -6.27 1.31
N LEU A 359 -11.70 -5.61 0.41
CA LEU A 359 -10.81 -4.48 0.81
C LEU A 359 -11.55 -3.19 1.08
N ALA A 360 -12.62 -2.93 0.34
CA ALA A 360 -13.34 -1.67 0.48
C ALA A 360 -14.78 -1.81 0.04
N LYS A 361 -15.64 -1.05 0.70
CA LYS A 361 -17.01 -0.94 0.29
C LYS A 361 -17.08 0.41 -0.39
N VAL A 362 -17.80 0.46 -1.51
CA VAL A 362 -17.80 1.64 -2.34
C VAL A 362 -19.25 2.08 -2.57
N ASP A 363 -19.46 3.39 -2.55
CA ASP A 363 -20.76 4.02 -2.79
C ASP A 363 -21.11 3.89 -4.26
N PRO A 364 -22.17 3.12 -4.55
CA PRO A 364 -22.68 2.84 -5.89
C PRO A 364 -23.10 4.12 -6.62
N ARG A 365 -23.44 5.16 -5.86
CA ARG A 365 -23.88 6.40 -6.49
C ARG A 365 -22.75 7.29 -6.97
N THR A 366 -21.54 7.14 -6.42
CA THR A 366 -20.50 8.17 -6.57
C THR A 366 -19.14 7.60 -6.84
N GLY A 367 -18.92 6.35 -6.41
CA GLY A 367 -17.60 5.77 -6.51
C GLY A 367 -16.71 6.20 -5.37
N ASN A 368 -17.27 6.88 -4.36
CA ASN A 368 -16.53 7.14 -3.11
C ASN A 368 -16.43 5.87 -2.28
N ILE A 369 -15.33 5.77 -1.55
CA ILE A 369 -15.12 4.69 -0.61
C ILE A 369 -15.99 4.93 0.64
N VAL A 370 -16.71 3.90 1.05
CA VAL A 370 -17.56 4.04 2.23
C VAL A 370 -16.82 3.51 3.44
N GLU A 371 -15.97 2.52 3.24
CA GLU A 371 -15.43 1.79 4.37
C GLU A 371 -14.36 0.84 3.88
N GLU A 372 -13.25 0.85 4.60
CA GLU A 372 -12.16 -0.01 4.32
C GLU A 372 -12.39 -1.32 5.06
N ASN A 373 -12.01 -2.45 4.46
CA ASN A 373 -12.18 -3.77 5.12
C ASN A 373 -13.55 -4.01 5.78
N PRO A 374 -14.65 -3.78 5.04
CA PRO A 374 -15.96 -4.09 5.65
C PRO A 374 -16.09 -5.60 5.91
N GLN A 375 -16.88 -5.95 6.89
CA GLN A 375 -17.17 -7.34 7.20
C GLN A 375 -18.03 -8.05 6.16
N PHE A 376 -18.96 -7.31 5.56
CA PHE A 376 -19.88 -7.90 4.58
C PHE A 376 -20.40 -6.90 3.57
N ILE A 377 -20.91 -7.41 2.45
CA ILE A 377 -21.55 -6.55 1.46
C ILE A 377 -22.88 -7.20 1.05
N LYS A 378 -23.78 -6.40 0.49
CA LYS A 378 -25.10 -6.86 0.06
C LYS A 378 -25.53 -6.21 -1.26
N THR A 379 -26.65 -6.69 -1.77
CA THR A 379 -27.34 -6.10 -2.93
C THR A 379 -27.21 -4.60 -2.91
N GLY A 380 -26.74 -4.02 -3.99
CA GLY A 380 -26.65 -2.58 -4.08
C GLY A 380 -25.27 -2.04 -3.72
N ASP A 381 -24.51 -2.73 -2.84
CA ASP A 381 -23.14 -2.31 -2.55
C ASP A 381 -22.22 -2.43 -3.76
N SER A 382 -21.25 -1.53 -3.86
CA SER A 382 -20.12 -1.80 -4.68
C SER A 382 -18.95 -2.15 -3.74
N ALA A 383 -17.95 -2.84 -4.27
CA ALA A 383 -16.81 -3.25 -3.45
C ALA A 383 -15.59 -3.54 -4.24
N ILE A 384 -14.44 -3.41 -3.59
CA ILE A 384 -13.18 -3.85 -4.14
C ILE A 384 -12.86 -5.18 -3.45
N VAL A 385 -12.63 -6.20 -4.28
CA VAL A 385 -12.48 -7.56 -3.75
C VAL A 385 -11.26 -8.31 -4.33
N VAL A 386 -10.67 -9.18 -3.51
CA VAL A 386 -9.63 -10.08 -3.98
C VAL A 386 -10.26 -11.47 -4.13
N LEU A 387 -10.13 -12.05 -5.32
CA LEU A 387 -10.72 -13.36 -5.63
C LEU A 387 -9.63 -14.35 -6.03
N ARG A 388 -9.80 -15.61 -5.58
CA ARG A 388 -8.92 -16.70 -6.00
C ARG A 388 -9.74 -17.65 -6.85
N PRO A 389 -9.31 -17.87 -8.10
CA PRO A 389 -9.98 -18.84 -8.95
C PRO A 389 -9.69 -20.28 -8.49
N MET A 390 -10.69 -21.15 -8.54
CA MET A 390 -10.45 -22.53 -8.14
C MET A 390 -10.03 -23.39 -9.33
N LYS A 391 -10.15 -22.83 -10.53
CA LYS A 391 -9.54 -23.39 -11.74
C LYS A 391 -8.96 -22.18 -12.47
N PRO A 392 -7.89 -22.39 -13.26
CA PRO A 392 -7.22 -21.30 -13.98
C PRO A 392 -8.12 -20.63 -14.99
N VAL A 393 -7.92 -19.33 -15.17
CA VAL A 393 -8.79 -18.56 -16.03
C VAL A 393 -8.00 -17.43 -16.70
N VAL A 394 -8.31 -17.14 -17.96
CA VAL A 394 -7.76 -15.96 -18.62
C VAL A 394 -8.60 -14.70 -18.27
N LEU A 395 -7.95 -13.69 -17.74
CA LEU A 395 -8.57 -12.42 -17.42
C LEU A 395 -7.53 -11.35 -17.74
N GLU A 396 -7.97 -10.17 -18.15
CA GLU A 396 -7.03 -9.04 -18.32
C GLU A 396 -7.58 -7.86 -17.51
N PRO A 397 -6.68 -7.01 -16.94
CA PRO A 397 -7.15 -5.74 -16.34
C PRO A 397 -8.01 -4.93 -17.33
N VAL A 398 -9.17 -4.40 -16.90
CA VAL A 398 -10.06 -3.72 -17.87
C VAL A 398 -9.37 -2.53 -18.52
N LYS A 399 -8.47 -1.89 -17.81
CA LYS A 399 -7.78 -0.70 -18.34
C LYS A 399 -6.80 -1.04 -19.47
N GLU A 400 -6.47 -2.32 -19.60
CA GLU A 400 -5.57 -2.80 -20.68
C GLU A 400 -6.35 -3.42 -21.83
N ILE A 401 -7.16 -4.45 -21.54
CA ILE A 401 -7.94 -5.16 -22.56
C ILE A 401 -9.36 -5.37 -22.02
N PRO A 402 -10.20 -4.33 -22.15
CA PRO A 402 -11.55 -4.34 -21.53
C PRO A 402 -12.38 -5.51 -21.98
N GLN A 403 -12.15 -5.97 -23.22
CA GLN A 403 -12.95 -7.09 -23.73
C GLN A 403 -12.77 -8.34 -22.91
N LEU A 404 -11.72 -8.38 -22.11
CA LEU A 404 -11.45 -9.56 -21.29
C LEU A 404 -11.28 -9.18 -19.81
N GLY A 405 -11.84 -8.01 -19.45
CA GLY A 405 -11.71 -7.43 -18.11
C GLY A 405 -13.00 -7.31 -17.33
N ARG A 406 -14.11 -7.76 -17.91
CA ARG A 406 -15.42 -7.72 -17.26
C ARG A 406 -15.94 -9.12 -17.07
N PHE A 407 -16.80 -9.31 -16.08
CA PHE A 407 -17.28 -10.64 -15.74
C PHE A 407 -18.54 -10.52 -14.95
N ALA A 408 -19.23 -11.64 -14.84
CA ALA A 408 -20.41 -11.72 -14.00
C ALA A 408 -20.13 -12.83 -13.02
N ILE A 409 -20.85 -12.80 -11.91
CA ILE A 409 -20.74 -13.76 -10.81
C ILE A 409 -22.12 -14.37 -10.75
N ARG A 410 -22.17 -15.69 -10.80
CA ARG A 410 -23.40 -16.44 -10.73
C ARG A 410 -23.42 -17.40 -9.54
N ASP A 411 -24.60 -17.55 -8.96
CA ASP A 411 -24.78 -18.55 -7.93
C ASP A 411 -26.27 -18.89 -7.91
N MET A 412 -26.55 -20.19 -7.79
CA MET A 412 -27.92 -20.69 -7.58
C MET A 412 -28.84 -20.24 -8.69
N GLY A 413 -28.39 -20.39 -9.93
CA GLY A 413 -29.17 -19.94 -11.09
C GLY A 413 -29.26 -18.45 -11.38
N MET A 414 -28.81 -17.58 -10.45
CA MET A 414 -28.95 -16.14 -10.69
C MET A 414 -27.66 -15.32 -10.79
N THR A 415 -27.79 -14.09 -11.28
CA THR A 415 -26.66 -13.18 -11.42
C THR A 415 -26.42 -12.38 -10.14
N ILE A 416 -25.33 -12.68 -9.44
CA ILE A 416 -25.05 -12.06 -8.14
C ILE A 416 -24.44 -10.65 -8.32
N ALA A 417 -23.54 -10.50 -9.29
CA ALA A 417 -22.76 -9.28 -9.39
C ALA A 417 -22.18 -9.15 -10.78
N ALA A 418 -21.73 -7.95 -11.10
CA ALA A 418 -20.91 -7.73 -12.29
C ALA A 418 -19.60 -7.10 -11.81
N GLY A 419 -18.49 -7.34 -12.50
CA GLY A 419 -17.21 -6.86 -11.99
C GLY A 419 -16.29 -6.45 -13.11
N MET A 420 -15.22 -5.74 -12.76
CA MET A 420 -14.15 -5.43 -13.67
C MET A 420 -12.81 -5.68 -12.98
N VAL A 421 -11.85 -6.16 -13.76
CA VAL A 421 -10.60 -6.59 -13.20
C VAL A 421 -9.73 -5.36 -13.05
N ILE A 422 -9.21 -5.18 -11.83
CA ILE A 422 -8.28 -4.12 -11.49
C ILE A 422 -6.81 -4.58 -11.72
N SER A 423 -6.43 -5.74 -11.19
CA SER A 423 -5.04 -6.17 -11.25
C SER A 423 -4.98 -7.66 -10.97
N ILE A 424 -3.80 -8.25 -11.20
CA ILE A 424 -3.57 -9.67 -10.96
C ILE A 424 -2.37 -9.85 -10.05
N GLN A 425 -2.50 -10.68 -9.02
CA GLN A 425 -1.39 -10.92 -8.11
C GLN A 425 -0.79 -12.29 -8.38
N LYS A 426 0.44 -12.29 -8.90
CA LYS A 426 1.11 -13.55 -9.20
C LYS A 426 1.57 -14.19 -7.89
N GLY A 427 1.15 -15.44 -7.65
CA GLY A 427 1.41 -16.12 -6.38
C GLY A 427 2.32 -17.33 -6.50
N LYS B 5 16.70 -11.23 39.24
CA LYS B 5 15.74 -10.25 38.63
C LYS B 5 16.08 -9.92 37.18
N PRO B 6 15.21 -10.34 36.24
CA PRO B 6 15.36 -10.03 34.81
C PRO B 6 15.61 -8.55 34.55
N HIS B 7 16.47 -8.24 33.58
CA HIS B 7 16.72 -6.86 33.14
C HIS B 7 15.92 -6.64 31.88
N VAL B 8 15.21 -5.53 31.83
CA VAL B 8 14.32 -5.22 30.71
C VAL B 8 14.57 -3.78 30.27
N ASN B 9 14.60 -3.56 28.95
CA ASN B 9 14.77 -2.23 28.36
C ASN B 9 13.42 -1.67 27.85
N ILE B 10 13.15 -0.38 28.06
CA ILE B 10 11.92 0.22 27.54
C ILE B 10 12.18 1.50 26.72
N VAL B 11 11.30 1.78 25.77
CA VAL B 11 11.34 3.03 25.04
C VAL B 11 9.99 3.70 25.23
N PHE B 12 9.97 5.01 25.23
CA PHE B 12 8.72 5.77 25.25
C PHE B 12 8.43 6.27 23.85
N ILE B 13 7.18 6.16 23.40
CA ILE B 13 6.76 6.64 22.09
C ILE B 13 5.42 7.32 22.25
N GLY B 14 4.95 7.95 21.17
CA GLY B 14 3.75 8.77 21.21
C GLY B 14 4.02 10.16 20.62
N HIS B 15 2.97 10.86 20.28
CA HIS B 15 3.02 12.16 19.64
C HIS B 15 3.77 13.20 20.50
N VAL B 16 4.52 14.10 19.86
CA VAL B 16 5.21 15.20 20.56
C VAL B 16 4.18 15.91 21.45
N ASP B 17 4.61 16.39 22.63
CA ASP B 17 3.73 17.06 23.60
C ASP B 17 2.68 16.19 24.37
N HIS B 18 2.56 14.89 24.07
CA HIS B 18 1.55 14.09 24.75
C HIS B 18 1.95 13.68 26.19
N GLY B 19 3.24 13.77 26.51
CA GLY B 19 3.74 13.59 27.87
C GLY B 19 4.84 12.58 28.12
N LYS B 20 5.59 12.23 27.08
CA LYS B 20 6.69 11.29 27.29
C LYS B 20 7.69 11.72 28.38
N SER B 21 8.30 12.92 28.23
CA SER B 21 9.34 13.40 29.18
C SER B 21 8.79 13.54 30.57
N THR B 22 7.56 14.05 30.65
CA THR B 22 6.93 14.29 31.96
C THR B 22 6.60 12.96 32.63
N THR B 23 6.29 11.94 31.84
CA THR B 23 6.00 10.63 32.41
C THR B 23 7.30 10.01 32.94
N ILE B 24 8.37 10.14 32.16
CA ILE B 24 9.69 9.65 32.60
C ILE B 24 10.12 10.38 33.87
N GLY B 25 10.10 11.72 33.82
CA GLY B 25 10.35 12.54 34.99
C GLY B 25 9.51 12.18 36.22
N ARG B 26 8.23 11.88 36.01
CA ARG B 26 7.39 11.53 37.14
C ARG B 26 7.77 10.17 37.72
N LEU B 27 8.11 9.21 36.86
CA LEU B 27 8.68 7.93 37.34
C LEU B 27 9.94 8.14 38.23
N LEU B 28 10.88 8.94 37.76
CA LEU B 28 12.09 9.26 38.50
C LEU B 28 11.79 9.93 39.84
N TYR B 29 10.97 10.98 39.78
CA TYR B 29 10.60 11.76 40.96
C TYR B 29 9.88 10.94 42.03
N ASP B 30 8.82 10.26 41.66
CA ASP B 30 8.04 9.51 42.65
C ASP B 30 8.75 8.24 43.14
N THR B 31 9.71 7.72 42.40
CA THR B 31 10.53 6.65 43.01
C THR B 31 11.75 7.23 43.69
N GLY B 32 11.98 8.51 43.55
CA GLY B 32 13.20 9.07 44.14
C GLY B 32 14.50 8.74 43.44
N ASN B 33 14.47 8.16 42.24
CA ASN B 33 15.67 7.97 41.40
C ASN B 33 16.00 9.25 40.63
N ILE B 34 16.43 10.27 41.34
CA ILE B 34 16.72 11.53 40.69
C ILE B 34 18.24 11.60 40.43
N PRO B 35 18.66 12.09 39.25
CA PRO B 35 20.11 12.15 38.99
C PRO B 35 20.88 12.88 40.08
N GLU B 36 22.11 12.45 40.31
CA GLU B 36 22.90 12.99 41.39
C GLU B 36 23.25 14.46 41.20
N THR B 37 23.39 14.94 39.96
CA THR B 37 23.71 16.38 39.77
C THR B 37 22.51 17.26 40.20
N ILE B 38 21.29 16.77 39.95
CA ILE B 38 20.09 17.47 40.43
C ILE B 38 19.99 17.48 41.96
N ILE B 39 20.26 16.34 42.59
CA ILE B 39 20.34 16.28 44.06
C ILE B 39 21.35 17.27 44.61
N LYS B 40 22.53 17.29 44.00
CA LYS B 40 23.60 18.21 44.42
C LYS B 40 23.11 19.66 44.30
N LYS B 41 22.50 19.96 43.15
CA LYS B 41 21.97 21.27 42.82
C LYS B 41 20.98 21.70 43.89
N PHE B 42 20.16 20.77 44.37
CA PHE B 42 19.27 21.12 45.46
C PHE B 42 19.91 21.46 46.83
N GLU B 43 21.00 20.79 47.17
CA GLU B 43 21.68 20.96 48.46
C GLU B 43 22.33 22.35 48.71
N SER B 51 12.70 25.20 46.71
CA SER B 51 11.69 24.17 46.99
C SER B 51 11.78 22.94 46.04
N PHE B 52 11.68 21.72 46.60
CA PHE B 52 11.87 20.46 45.83
C PHE B 52 10.57 19.96 45.14
N LYS B 53 9.99 20.83 44.32
CA LYS B 53 8.73 20.56 43.60
C LYS B 53 9.01 19.78 42.34
N PHE B 54 8.00 19.02 41.91
CA PHE B 54 8.11 18.30 40.65
C PHE B 54 8.44 19.23 39.47
N ALA B 55 7.81 20.40 39.41
CA ALA B 55 8.07 21.39 38.34
C ALA B 55 9.55 21.75 38.25
N TRP B 56 10.15 21.95 39.42
CA TRP B 56 11.56 22.33 39.50
C TRP B 56 12.43 21.18 38.97
N VAL B 57 12.09 19.96 39.35
CA VAL B 57 12.85 18.79 38.90
C VAL B 57 12.70 18.62 37.41
N MET B 58 11.49 18.80 36.90
CA MET B 58 11.28 18.73 35.44
C MET B 58 12.14 19.76 34.69
N ASP B 59 12.16 21.00 35.19
CA ASP B 59 13.06 22.04 34.66
C ASP B 59 14.52 21.53 34.63
N ARG B 60 14.98 20.96 35.74
CA ARG B 60 16.35 20.50 35.78
C ARG B 60 16.61 19.31 34.88
N LEU B 61 15.62 18.44 34.64
CA LEU B 61 15.80 17.34 33.68
C LEU B 61 15.87 17.91 32.28
N LYS B 62 15.04 18.91 32.02
CA LYS B 62 15.01 19.60 30.73
C LYS B 62 16.42 20.17 30.44
N GLU B 63 17.00 20.88 31.41
CA GLU B 63 18.36 21.43 31.30
C GLU B 63 19.40 20.37 30.98
N GLU B 64 19.25 19.22 31.63
CA GLU B 64 20.19 18.13 31.36
C GLU B 64 20.15 17.64 29.93
N ARG B 65 18.95 17.60 29.35
CA ARG B 65 18.76 17.20 27.97
C ARG B 65 19.43 18.23 27.09
N GLU B 66 19.19 19.50 27.38
CA GLU B 66 19.89 20.60 26.69
C GLU B 66 21.41 20.45 26.78
N ARG B 67 21.92 19.90 27.89
CA ARG B 67 23.38 19.67 27.98
C ARG B 67 23.83 18.40 27.28
N GLY B 68 23.01 17.89 26.38
CA GLY B 68 23.37 16.69 25.63
C GLY B 68 23.22 15.40 26.42
N ILE B 69 22.75 15.47 27.65
CA ILE B 69 22.40 14.23 28.36
C ILE B 69 21.00 13.78 27.90
N THR B 70 20.95 13.16 26.74
CA THR B 70 19.70 12.77 26.16
C THR B 70 19.32 11.44 26.80
N ILE B 71 18.11 10.99 26.47
CA ILE B 71 17.51 9.83 27.12
C ILE B 71 18.39 8.58 26.94
N ASP B 72 18.91 8.40 25.72
CA ASP B 72 19.84 7.31 25.45
C ASP B 72 21.17 7.49 26.16
N VAL B 73 21.57 8.72 26.47
CA VAL B 73 22.79 8.91 27.28
C VAL B 73 22.53 8.65 28.79
N ALA B 74 21.42 9.12 29.35
CA ALA B 74 21.12 8.81 30.74
C ALA B 74 21.07 7.29 30.98
N HIS B 75 20.44 6.58 30.05
CA HIS B 75 20.12 5.15 30.25
C HIS B 75 19.59 4.90 31.69
N THR B 76 18.72 5.80 32.17
CA THR B 76 18.20 5.74 33.53
C THR B 76 17.64 4.34 33.89
N LYS B 77 18.10 3.81 35.02
CA LYS B 77 17.68 2.48 35.44
C LYS B 77 17.04 2.54 36.81
N PHE B 78 15.91 1.85 36.96
CA PHE B 78 15.38 1.67 38.30
C PHE B 78 14.89 0.24 38.51
N GLU B 79 14.75 -0.11 39.78
CA GLU B 79 14.41 -1.48 40.21
C GLU B 79 12.96 -1.55 40.72
N THR B 80 12.28 -2.63 40.39
CA THR B 80 10.93 -2.90 40.87
C THR B 80 10.96 -4.27 41.49
N PRO B 81 9.84 -4.73 42.07
CA PRO B 81 10.01 -5.97 42.84
C PRO B 81 10.49 -7.18 41.99
N HIS B 82 10.23 -7.22 40.69
CA HIS B 82 10.64 -8.36 39.87
C HIS B 82 11.51 -8.02 38.66
N ARG B 83 11.90 -6.77 38.51
CA ARG B 83 12.64 -6.33 37.32
C ARG B 83 13.66 -5.24 37.64
N TYR B 84 14.68 -5.17 36.79
CA TYR B 84 15.48 -3.97 36.60
C TYR B 84 15.00 -3.35 35.30
N ILE B 85 14.59 -2.09 35.39
CA ILE B 85 14.15 -1.38 34.23
C ILE B 85 15.11 -0.30 33.78
N THR B 86 15.51 -0.42 32.51
CA THR B 86 16.32 0.61 31.86
C THR B 86 15.46 1.27 30.79
N ILE B 87 15.37 2.59 30.85
CA ILE B 87 14.75 3.41 29.81
C ILE B 87 15.85 3.68 28.81
N ILE B 88 15.77 3.02 27.67
CA ILE B 88 16.88 2.93 26.74
C ILE B 88 16.81 4.10 25.73
N ASP B 89 15.61 4.59 25.42
CA ASP B 89 15.53 5.63 24.38
C ASP B 89 14.16 6.25 24.30
N ALA B 90 14.07 7.36 23.57
CA ALA B 90 12.79 8.03 23.25
C ALA B 90 13.00 8.98 22.05
N PRO B 91 11.93 9.28 21.31
CA PRO B 91 12.05 10.20 20.20
C PRO B 91 12.44 11.59 20.71
N GLY B 92 12.99 12.42 19.86
CA GLY B 92 13.26 13.80 20.22
C GLY B 92 14.73 14.09 20.37
N HIS B 93 15.60 13.28 19.78
CA HIS B 93 17.02 13.60 19.78
C HIS B 93 17.65 13.08 18.51
N ARG B 94 18.75 13.72 18.12
CA ARG B 94 19.41 13.47 16.84
C ARG B 94 19.37 12.00 16.39
N ASP B 95 19.90 11.10 17.23
CA ASP B 95 20.19 9.71 16.81
C ASP B 95 19.17 8.67 17.17
N PHE B 96 17.95 9.10 17.46
CA PHE B 96 16.94 8.15 17.89
C PHE B 96 16.71 7.06 16.82
N VAL B 97 16.47 7.46 15.57
CA VAL B 97 16.15 6.46 14.56
C VAL B 97 17.37 5.54 14.31
N LYS B 98 18.55 6.18 14.23
CA LYS B 98 19.82 5.48 14.08
C LYS B 98 19.97 4.43 15.16
N ASN B 99 19.78 4.83 16.41
CA ASN B 99 19.96 3.92 17.53
C ASN B 99 19.07 2.70 17.34
N MET B 100 17.80 2.94 17.00
CA MET B 100 16.83 1.89 16.88
C MET B 100 17.21 0.94 15.70
N ILE B 101 17.63 1.55 14.59
CA ILE B 101 17.99 0.83 13.38
C ILE B 101 19.21 -0.04 13.59
N THR B 102 20.28 0.53 14.13
CA THR B 102 21.51 -0.23 14.26
C THR B 102 21.41 -1.23 15.42
N GLY B 103 20.35 -1.17 16.22
CA GLY B 103 20.27 -2.01 17.39
C GLY B 103 21.10 -1.57 18.59
N ALA B 104 21.67 -0.37 18.54
CA ALA B 104 22.34 0.24 19.70
C ALA B 104 21.37 0.37 20.89
N SER B 105 20.10 0.70 20.57
CA SER B 105 19.00 0.67 21.52
C SER B 105 18.07 -0.43 21.10
N GLN B 106 17.86 -1.40 22.00
CA GLN B 106 16.96 -2.51 21.77
C GLN B 106 15.94 -2.60 22.89
N ALA B 107 14.67 -2.64 22.52
CA ALA B 107 13.65 -2.52 23.53
C ALA B 107 12.82 -3.79 23.68
N ASP B 108 12.55 -4.15 24.94
CA ASP B 108 11.66 -5.25 25.29
C ASP B 108 10.21 -4.81 25.18
N ALA B 109 9.97 -3.55 25.58
CA ALA B 109 8.61 -2.99 25.64
C ALA B 109 8.61 -1.53 25.22
N ALA B 110 7.49 -1.06 24.68
CA ALA B 110 7.32 0.35 24.43
C ALA B 110 6.19 0.85 25.30
N VAL B 111 6.39 2.03 25.89
CA VAL B 111 5.32 2.74 26.55
C VAL B 111 4.83 3.77 25.55
N LEU B 112 3.56 3.61 25.15
CA LEU B 112 2.91 4.50 24.19
C LEU B 112 2.06 5.49 24.95
N VAL B 113 2.46 6.76 24.88
CA VAL B 113 1.84 7.83 25.63
C VAL B 113 0.88 8.54 24.68
N VAL B 114 -0.39 8.60 25.05
CA VAL B 114 -1.43 9.26 24.23
C VAL B 114 -2.16 10.31 25.09
N ALA B 115 -2.19 11.56 24.67
CA ALA B 115 -2.81 12.60 25.46
C ALA B 115 -4.36 12.47 25.42
N ALA B 116 -4.98 12.50 26.58
CA ALA B 116 -6.43 12.42 26.63
C ALA B 116 -7.06 13.63 25.94
N THR B 117 -6.32 14.74 25.87
CA THR B 117 -6.83 15.97 25.30
C THR B 117 -6.88 15.87 23.77
N ASP B 118 -5.93 15.14 23.18
CA ASP B 118 -5.77 15.13 21.71
C ASP B 118 -6.24 13.85 21.07
N GLY B 119 -6.24 12.75 21.82
CA GLY B 119 -6.55 11.45 21.24
C GLY B 119 -5.40 10.91 20.39
N VAL B 120 -5.62 9.75 19.78
CA VAL B 120 -4.64 9.14 18.89
C VAL B 120 -4.49 10.00 17.64
N MET B 121 -3.26 10.36 17.31
CA MET B 121 -2.99 11.28 16.19
C MET B 121 -2.23 10.55 15.11
N PRO B 122 -2.15 11.14 13.89
CA PRO B 122 -1.40 10.41 12.86
C PRO B 122 0.00 9.95 13.30
N GLN B 123 0.79 10.78 13.96
CA GLN B 123 2.13 10.38 14.38
C GLN B 123 2.15 9.36 15.53
N THR B 124 1.08 9.32 16.33
CA THR B 124 0.91 8.29 17.33
C THR B 124 0.92 6.99 16.59
N LYS B 125 0.17 6.92 15.48
CA LYS B 125 0.06 5.66 14.72
C LYS B 125 1.36 5.20 14.10
N GLU B 126 2.10 6.14 13.50
CA GLU B 126 3.41 5.87 12.92
C GLU B 126 4.34 5.25 13.94
N HIS B 127 4.38 5.83 15.15
CA HIS B 127 5.22 5.28 16.24
C HIS B 127 4.83 3.82 16.55
N ALA B 128 3.54 3.54 16.61
CA ALA B 128 3.13 2.17 16.94
C ALA B 128 3.60 1.20 15.84
N PHE B 129 3.55 1.64 14.58
CA PHE B 129 3.98 0.84 13.41
C PHE B 129 5.46 0.61 13.45
N LEU B 130 6.20 1.65 13.81
CA LEU B 130 7.62 1.48 13.97
C LEU B 130 7.99 0.48 15.08
N ALA B 131 7.27 0.50 16.19
CA ALA B 131 7.53 -0.42 17.32
C ALA B 131 7.34 -1.86 16.85
N ARG B 132 6.23 -2.16 16.19
CA ARG B 132 6.03 -3.48 15.58
C ARG B 132 7.15 -3.86 14.59
N THR B 133 7.51 -2.91 13.73
CA THR B 133 8.55 -3.14 12.73
C THR B 133 9.88 -3.51 13.38
N LEU B 134 10.14 -2.92 14.57
CA LEU B 134 11.39 -3.16 15.29
C LEU B 134 11.43 -4.53 15.93
N GLY B 135 10.29 -5.19 15.97
CA GLY B 135 10.23 -6.41 16.73
C GLY B 135 9.88 -6.24 18.18
N ILE B 136 9.39 -5.06 18.60
CA ILE B 136 8.99 -4.86 20.01
C ILE B 136 7.66 -5.57 20.24
N LYS B 137 7.63 -6.51 21.17
CA LYS B 137 6.47 -7.38 21.33
C LYS B 137 5.49 -6.94 22.39
N HIS B 138 5.94 -6.11 23.34
CA HIS B 138 5.10 -5.74 24.47
C HIS B 138 4.87 -4.25 24.43
N ILE B 139 3.60 -3.86 24.54
CA ILE B 139 3.27 -2.45 24.60
C ILE B 139 2.55 -2.15 25.89
N ILE B 140 2.85 -0.98 26.46
CA ILE B 140 2.04 -0.49 27.57
C ILE B 140 1.55 0.88 27.15
N VAL B 141 0.24 1.11 27.27
CA VAL B 141 -0.30 2.39 26.86
C VAL B 141 -0.64 3.22 28.09
N THR B 142 -0.25 4.49 28.09
CA THR B 142 -0.85 5.42 29.02
C THR B 142 -1.73 6.44 28.28
N ILE B 143 -2.89 6.74 28.85
CA ILE B 143 -3.69 7.81 28.28
C ILE B 143 -3.50 8.94 29.25
N ASN B 144 -2.68 9.91 28.86
CA ASN B 144 -2.07 10.87 29.79
C ASN B 144 -2.84 12.20 29.78
N LYS B 145 -2.49 13.11 30.69
CA LYS B 145 -3.18 14.44 30.87
C LYS B 145 -4.62 14.31 31.31
N MET B 146 -4.90 13.30 32.14
CA MET B 146 -6.25 13.07 32.64
C MET B 146 -6.75 14.23 33.49
N ASP B 147 -5.85 14.93 34.18
CA ASP B 147 -6.23 16.13 34.93
C ASP B 147 -6.76 17.25 34.03
N MET B 148 -6.32 17.30 32.76
CA MET B 148 -6.80 18.37 31.87
C MET B 148 -8.18 18.09 31.29
N VAL B 149 -8.70 16.89 31.54
CA VAL B 149 -10.08 16.59 31.14
C VAL B 149 -10.87 16.21 32.38
N ASN B 150 -10.51 16.84 33.49
CA ASN B 150 -11.18 16.62 34.78
C ASN B 150 -11.33 15.16 35.19
N TYR B 151 -10.33 14.33 34.81
CA TYR B 151 -10.30 12.94 35.22
C TYR B 151 -11.56 12.19 34.73
N ASP B 152 -12.06 12.58 33.57
CA ASP B 152 -13.33 12.08 33.05
C ASP B 152 -13.25 10.67 32.45
N GLN B 153 -14.06 9.76 32.95
CA GLN B 153 -14.08 8.40 32.42
C GLN B 153 -14.44 8.27 30.93
N LYS B 154 -15.50 8.96 30.49
CA LYS B 154 -15.90 8.91 29.08
C LYS B 154 -14.79 9.29 28.11
N VAL B 155 -14.07 10.37 28.41
CA VAL B 155 -12.98 10.83 27.56
C VAL B 155 -11.92 9.73 27.49
N PHE B 156 -11.57 9.15 28.64
CA PHE B 156 -10.62 8.04 28.66
C PHE B 156 -11.09 6.90 27.77
N GLU B 157 -12.36 6.55 27.87
CA GLU B 157 -12.90 5.43 27.10
C GLU B 157 -12.87 5.70 25.60
N LYS B 158 -13.16 6.93 25.22
CA LYS B 158 -13.09 7.34 23.82
C LYS B 158 -11.67 7.15 23.27
N VAL B 159 -10.66 7.59 24.02
CA VAL B 159 -9.27 7.46 23.54
C VAL B 159 -8.80 6.03 23.62
N LYS B 160 -9.27 5.30 24.62
CA LYS B 160 -8.91 3.88 24.75
C LYS B 160 -9.36 3.13 23.51
N ALA B 161 -10.64 3.27 23.20
CA ALA B 161 -11.24 2.76 21.96
C ALA B 161 -10.38 3.07 20.71
N GLN B 162 -9.90 4.31 20.54
CA GLN B 162 -8.98 4.59 19.41
C GLN B 162 -7.71 3.74 19.49
N VAL B 163 -7.11 3.71 20.68
CA VAL B 163 -5.84 2.98 20.87
C VAL B 163 -6.05 1.48 20.64
N GLU B 164 -7.19 1.00 21.11
CA GLU B 164 -7.55 -0.41 21.02
C GLU B 164 -7.61 -0.84 19.52
N LYS B 165 -8.20 0.04 18.69
CA LYS B 165 -8.28 -0.16 17.24
C LYS B 165 -6.90 -0.28 16.59
N LEU B 166 -6.08 0.74 16.77
CA LEU B 166 -4.72 0.82 16.25
C LEU B 166 -3.89 -0.40 16.61
N LEU B 167 -3.86 -0.74 17.89
CA LEU B 167 -2.96 -1.80 18.38
C LEU B 167 -3.40 -3.18 17.91
N LYS B 168 -4.70 -3.41 17.83
CA LYS B 168 -5.17 -4.69 17.32
C LYS B 168 -4.85 -4.83 15.84
N THR B 169 -4.82 -3.73 15.10
CA THR B 169 -4.50 -3.83 13.67
C THR B 169 -3.07 -4.32 13.51
N LEU B 170 -2.26 -4.00 14.51
CA LEU B 170 -0.84 -4.26 14.48
C LEU B 170 -0.55 -5.60 15.13
N GLY B 171 -1.59 -6.32 15.56
CA GLY B 171 -1.43 -7.63 16.14
C GLY B 171 -1.11 -7.71 17.63
N TYR B 172 -1.03 -6.57 18.33
CA TYR B 172 -0.78 -6.63 19.78
C TYR B 172 -1.98 -7.10 20.60
N LYS B 173 -1.72 -7.85 21.67
CA LYS B 173 -2.80 -8.57 22.34
C LYS B 173 -3.03 -8.16 23.78
N ASP B 174 -1.99 -8.24 24.60
CA ASP B 174 -2.10 -7.89 26.01
C ASP B 174 -1.39 -6.58 26.15
N PHE B 175 -2.15 -5.53 26.40
CA PHE B 175 -1.53 -4.33 26.78
C PHE B 175 -2.43 -3.65 27.76
N PRO B 176 -1.86 -3.22 28.88
CA PRO B 176 -2.59 -2.37 29.82
C PRO B 176 -2.85 -1.04 29.09
N VAL B 177 -3.96 -0.39 29.43
CA VAL B 177 -4.20 0.96 28.98
C VAL B 177 -4.48 1.76 30.23
N ILE B 178 -3.60 2.72 30.56
CA ILE B 178 -3.60 3.32 31.90
C ILE B 178 -3.91 4.82 31.89
N PRO B 179 -4.95 5.22 32.63
CA PRO B 179 -5.22 6.63 32.73
C PRO B 179 -4.24 7.29 33.69
N THR B 180 -3.47 8.26 33.18
CA THR B 180 -2.46 8.88 33.99
C THR B 180 -2.57 10.39 33.98
N SER B 181 -1.91 11.01 34.95
CA SER B 181 -1.55 12.40 34.82
C SER B 181 -0.10 12.39 35.20
N ALA B 182 0.79 12.56 34.21
CA ALA B 182 2.20 12.68 34.54
C ALA B 182 2.46 13.93 35.39
N TRP B 183 1.68 14.99 35.18
CA TRP B 183 1.94 16.24 35.90
C TRP B 183 1.58 16.17 37.41
N ASN B 184 0.41 15.62 37.75
CA ASN B 184 0.01 15.44 39.16
C ASN B 184 0.39 14.11 39.79
N GLY B 185 0.79 13.12 38.98
CA GLY B 185 1.31 11.85 39.48
C GLY B 185 0.35 10.66 39.34
N ASP B 186 -0.93 10.93 39.10
CA ASP B 186 -1.94 9.85 39.10
C ASP B 186 -1.55 8.62 38.25
N ASN B 187 -1.42 7.47 38.92
CA ASN B 187 -1.26 6.17 38.23
C ASN B 187 0.08 5.96 37.53
N VAL B 188 1.05 6.86 37.82
CA VAL B 188 2.40 6.63 37.30
C VAL B 188 3.13 5.66 38.24
N VAL B 189 3.42 6.11 39.46
CA VAL B 189 3.94 5.25 40.51
C VAL B 189 2.85 5.10 41.58
N LYS B 190 2.20 6.21 41.96
CA LYS B 190 1.20 6.20 43.01
C LYS B 190 -0.18 6.05 42.40
N LYS B 191 -0.99 5.16 42.99
CA LYS B 191 -2.38 5.02 42.62
C LYS B 191 -3.16 6.32 42.82
N SER B 192 -3.97 6.64 41.82
CA SER B 192 -4.89 7.79 41.88
C SER B 192 -6.08 7.64 42.89
N ASP B 193 -6.40 8.72 43.59
CA ASP B 193 -7.66 8.83 44.30
C ASP B 193 -8.66 9.66 43.48
N LYS B 194 -8.36 9.86 42.19
CA LYS B 194 -9.23 10.69 41.37
C LYS B 194 -10.06 9.90 40.35
N MET B 195 -9.74 8.63 40.16
CA MET B 195 -10.40 7.85 39.09
C MET B 195 -10.82 6.46 39.59
N PRO B 196 -11.81 6.40 40.50
CA PRO B 196 -12.14 5.13 41.14
C PRO B 196 -12.73 4.12 40.15
N TRP B 197 -13.00 4.55 38.91
CA TRP B 197 -13.54 3.66 37.89
C TRP B 197 -12.43 2.84 37.23
N TYR B 198 -11.19 3.14 37.56
CA TYR B 198 -10.05 2.35 37.06
C TYR B 198 -9.36 1.63 38.20
N ASN B 199 -9.08 0.34 37.99
CA ASN B 199 -8.37 -0.38 39.02
C ASN B 199 -7.36 -1.37 38.44
N GLY B 200 -6.83 -1.03 37.26
CA GLY B 200 -5.76 -1.80 36.67
C GLY B 200 -4.43 -1.46 37.33
N PRO B 201 -3.31 -1.94 36.73
CA PRO B 201 -1.96 -1.58 37.22
C PRO B 201 -1.63 -0.12 36.98
N THR B 202 -0.80 0.44 37.86
CA THR B 202 -0.14 1.69 37.59
C THR B 202 0.89 1.46 36.49
N LEU B 203 1.42 2.55 35.93
CA LEU B 203 2.51 2.37 34.98
C LEU B 203 3.64 1.52 35.55
N ILE B 204 4.07 1.84 36.76
CA ILE B 204 5.21 1.17 37.33
C ILE B 204 4.90 -0.33 37.62
N GLU B 205 3.64 -0.66 37.92
CA GLU B 205 3.28 -2.07 38.09
C GLU B 205 3.32 -2.79 36.74
N ALA B 206 2.89 -2.09 35.68
CA ALA B 206 2.89 -2.69 34.35
C ALA B 206 4.33 -2.96 33.88
N LEU B 207 5.25 -2.04 34.18
CA LEU B 207 6.68 -2.24 33.84
C LEU B 207 7.23 -3.49 34.54
N ASP B 208 6.80 -3.68 35.79
CA ASP B 208 7.25 -4.76 36.60
C ASP B 208 6.81 -6.10 36.03
N GLN B 209 5.89 -6.09 35.05
CA GLN B 209 5.32 -7.33 34.51
C GLN B 209 5.67 -7.58 33.03
N ILE B 210 6.61 -6.82 32.48
CA ILE B 210 7.09 -7.05 31.13
C ILE B 210 7.80 -8.41 31.07
N PRO B 211 7.35 -9.31 30.18
CA PRO B 211 7.99 -10.63 30.07
C PRO B 211 9.43 -10.52 29.64
N GLU B 212 10.25 -11.46 30.12
CA GLU B 212 11.64 -11.63 29.68
C GLU B 212 11.63 -11.83 28.18
N PRO B 213 12.61 -11.26 27.48
CA PRO B 213 12.74 -11.39 26.02
C PRO B 213 12.93 -12.84 25.58
N GLU B 214 12.56 -13.17 24.33
CA GLU B 214 12.94 -14.49 23.78
C GLU B 214 14.48 -14.58 23.71
N LYS B 215 15.03 -15.72 24.09
CA LYS B 215 16.48 -15.91 24.02
C LYS B 215 16.94 -16.40 22.64
N PRO B 216 18.11 -15.90 22.19
CA PRO B 216 18.72 -16.33 20.92
C PRO B 216 18.65 -17.86 20.66
N ILE B 217 18.96 -18.66 21.69
CA ILE B 217 18.96 -20.13 21.58
C ILE B 217 17.61 -20.69 21.10
N ASP B 218 16.54 -19.96 21.37
CA ASP B 218 15.18 -20.38 20.99
C ASP B 218 14.75 -19.99 19.56
N LYS B 219 15.53 -19.13 18.90
CA LYS B 219 15.28 -18.84 17.48
C LYS B 219 15.94 -19.89 16.60
N PRO B 220 15.53 -19.95 15.32
CA PRO B 220 16.14 -20.93 14.41
C PRO B 220 17.64 -20.72 14.37
N LEU B 221 18.38 -21.81 14.28
CA LEU B 221 19.82 -21.76 14.15
C LEU B 221 20.25 -20.90 12.95
N ARG B 222 21.21 -20.02 13.20
CA ARG B 222 21.79 -19.25 12.11
C ARG B 222 23.29 -19.06 12.32
N ILE B 223 24.10 -19.50 11.35
CA ILE B 223 25.56 -19.37 11.46
C ILE B 223 26.17 -18.69 10.24
N PRO B 224 26.37 -17.36 10.31
CA PRO B 224 27.10 -16.68 9.24
C PRO B 224 28.51 -17.24 9.12
N ILE B 225 28.90 -17.58 7.90
CA ILE B 225 30.18 -18.21 7.64
C ILE B 225 31.23 -17.15 7.29
N GLN B 226 32.28 -17.08 8.10
CA GLN B 226 33.38 -16.11 7.89
C GLN B 226 34.46 -16.62 6.96
N ASP B 227 34.85 -17.89 7.15
CA ASP B 227 35.84 -18.54 6.27
C ASP B 227 35.55 -20.01 6.08
N VAL B 228 36.08 -20.58 5.01
CA VAL B 228 36.04 -22.03 4.75
C VAL B 228 37.47 -22.55 4.50
N TYR B 229 37.89 -23.55 5.30
CA TYR B 229 39.24 -24.14 5.22
C TYR B 229 39.25 -25.62 4.81
N SER B 230 40.37 -26.07 4.26
CA SER B 230 40.67 -27.52 4.11
C SER B 230 41.52 -28.00 5.29
N ILE B 231 41.11 -29.09 5.96
CA ILE B 231 41.84 -29.66 7.13
C ILE B 231 42.03 -31.17 7.02
N LYS B 232 43.29 -31.62 7.02
CA LYS B 232 43.73 -33.06 7.10
C LYS B 232 42.92 -34.06 6.25
N GLY B 233 42.70 -35.24 6.84
CA GLY B 233 41.69 -36.17 6.38
C GLY B 233 40.49 -36.04 7.30
N VAL B 234 39.97 -34.82 7.39
CA VAL B 234 38.77 -34.46 8.15
C VAL B 234 37.70 -34.15 7.11
N GLY B 235 38.07 -33.28 6.17
CA GLY B 235 37.18 -32.78 5.13
C GLY B 235 37.03 -31.27 5.21
N THR B 236 35.83 -30.78 4.92
CA THR B 236 35.61 -29.34 4.87
C THR B 236 35.18 -28.77 6.23
N VAL B 237 35.83 -27.65 6.58
CA VAL B 237 35.56 -26.96 7.85
C VAL B 237 35.23 -25.44 7.72
N PRO B 238 33.94 -25.08 7.79
CA PRO B 238 33.57 -23.66 7.89
C PRO B 238 33.80 -23.11 9.29
N VAL B 239 34.02 -21.80 9.36
CA VAL B 239 34.19 -21.09 10.63
C VAL B 239 33.26 -19.87 10.68
N GLY B 240 32.68 -19.61 11.85
CA GLY B 240 31.78 -18.48 12.04
C GLY B 240 31.14 -18.47 13.40
N ARG B 241 30.24 -17.52 13.61
CA ARG B 241 29.64 -17.29 14.92
C ARG B 241 28.19 -17.75 14.96
N VAL B 242 27.83 -18.61 15.92
CA VAL B 242 26.43 -18.98 16.17
C VAL B 242 25.68 -17.75 16.63
N GLU B 243 24.69 -17.35 15.85
CA GLU B 243 23.94 -16.16 16.15
C GLU B 243 22.68 -16.54 16.89
N THR B 244 22.09 -17.65 16.48
CA THR B 244 20.82 -18.07 17.06
C THR B 244 20.72 -19.57 16.99
N GLY B 245 19.77 -20.12 17.74
CA GLY B 245 19.55 -21.56 17.79
C GLY B 245 20.72 -22.28 18.43
N LYS B 246 20.74 -23.60 18.23
CA LYS B 246 21.79 -24.45 18.77
C LYS B 246 22.31 -25.47 17.77
N LEU B 247 23.63 -25.61 17.73
CA LEU B 247 24.29 -26.62 16.90
C LEU B 247 24.81 -27.80 17.72
N LYS B 248 24.39 -29.02 17.36
CA LYS B 248 24.84 -30.26 18.02
C LYS B 248 25.70 -31.11 17.08
N VAL B 249 26.67 -31.85 17.62
CA VAL B 249 27.35 -32.94 16.86
C VAL B 249 26.31 -34.08 16.53
N GLY B 250 26.21 -34.41 15.24
CA GLY B 250 25.04 -35.16 14.74
C GLY B 250 23.96 -34.35 13.96
N ASP B 251 23.79 -33.05 14.24
CA ASP B 251 22.77 -32.24 13.52
C ASP B 251 23.01 -32.29 12.01
N VAL B 252 21.92 -32.10 11.24
CA VAL B 252 22.07 -31.79 9.81
C VAL B 252 21.93 -30.26 9.64
N VAL B 253 22.83 -29.68 8.82
CA VAL B 253 22.81 -28.25 8.47
C VAL B 253 22.84 -28.06 6.97
N ILE B 254 22.12 -27.04 6.51
CA ILE B 254 22.04 -26.64 5.12
C ILE B 254 22.59 -25.21 4.95
N PHE B 255 23.23 -24.97 3.83
CA PHE B 255 23.87 -23.71 3.57
C PHE B 255 23.08 -22.91 2.54
N GLU B 256 22.91 -21.62 2.81
CA GLU B 256 22.25 -20.72 1.89
C GLU B 256 23.12 -19.49 1.78
N PRO B 257 23.14 -18.84 0.59
CA PRO B 257 22.40 -19.16 -0.63
C PRO B 257 23.07 -20.19 -1.54
N ALA B 258 24.14 -20.81 -1.04
CA ALA B 258 24.77 -21.94 -1.73
C ALA B 258 23.77 -22.93 -2.35
N SER B 259 22.79 -23.37 -1.55
CA SER B 259 21.74 -24.30 -2.03
C SER B 259 20.90 -23.71 -3.14
N THR B 260 20.51 -22.44 -2.99
CA THR B 260 19.73 -21.75 -4.02
C THR B 260 20.54 -21.64 -5.30
N ILE B 261 21.82 -21.30 -5.17
CA ILE B 261 22.70 -21.08 -6.32
C ILE B 261 22.90 -22.36 -7.11
N PHE B 262 23.15 -23.45 -6.40
CA PHE B 262 23.37 -24.75 -7.02
C PHE B 262 22.07 -25.54 -7.20
N HIS B 263 20.92 -24.90 -6.94
CA HIS B 263 19.58 -25.52 -7.11
C HIS B 263 19.46 -26.94 -6.56
N LYS B 264 20.21 -27.23 -5.50
CA LYS B 264 20.24 -28.55 -4.84
C LYS B 264 20.64 -28.34 -3.38
N PRO B 265 20.05 -29.13 -2.46
CA PRO B 265 20.40 -28.98 -1.04
C PRO B 265 21.89 -29.19 -0.74
N ILE B 266 22.61 -28.08 -0.55
CA ILE B 266 24.00 -28.10 -0.11
C ILE B 266 24.01 -28.26 1.40
N GLN B 267 24.37 -29.45 1.86
CA GLN B 267 24.16 -29.84 3.24
C GLN B 267 24.90 -31.13 3.61
N GLY B 268 24.98 -31.37 4.91
CA GLY B 268 25.71 -32.51 5.44
C GLY B 268 25.58 -32.56 6.94
N GLU B 269 26.15 -33.61 7.53
CA GLU B 269 26.10 -33.82 8.96
C GLU B 269 27.32 -33.19 9.64
N VAL B 270 27.07 -32.47 10.72
CA VAL B 270 28.15 -31.93 11.55
C VAL B 270 28.83 -33.10 12.28
N LYS B 271 30.12 -33.28 11.99
CA LYS B 271 30.91 -34.35 12.59
C LYS B 271 31.60 -33.91 13.88
N SER B 272 32.00 -32.64 13.96
CA SER B 272 32.74 -32.12 15.11
C SER B 272 32.66 -30.60 15.19
N ILE B 273 32.91 -30.06 16.38
CA ILE B 273 32.82 -28.63 16.63
C ILE B 273 34.04 -28.23 17.45
N GLU B 274 34.61 -27.07 17.15
CA GLU B 274 35.79 -26.57 17.86
C GLU B 274 35.75 -25.07 18.17
N MET B 275 36.08 -24.70 19.41
CA MET B 275 36.19 -23.31 19.83
C MET B 275 37.54 -23.11 20.50
N HIS B 276 38.25 -22.06 20.10
CA HIS B 276 39.63 -21.82 20.57
C HIS B 276 40.41 -23.15 20.48
N HIS B 277 40.19 -23.85 19.37
CA HIS B 277 40.84 -25.12 19.04
C HIS B 277 40.57 -26.31 20.01
N GLU B 278 39.46 -26.27 20.76
CA GLU B 278 39.05 -27.41 21.61
C GLU B 278 37.64 -27.90 21.25
N PRO B 279 37.44 -29.24 21.18
CA PRO B 279 36.16 -29.84 20.79
C PRO B 279 34.95 -29.47 21.66
N LEU B 280 33.77 -29.43 21.05
CA LEU B 280 32.49 -29.18 21.74
C LEU B 280 31.42 -30.15 21.27
N GLN B 281 30.49 -30.50 22.14
CA GLN B 281 29.35 -31.33 21.70
C GLN B 281 28.21 -30.47 21.12
N GLU B 282 28.03 -29.28 21.69
CA GLU B 282 27.09 -28.30 21.12
C GLU B 282 27.61 -26.87 21.18
N ALA B 283 27.28 -26.08 20.15
CA ALA B 283 27.64 -24.67 20.12
C ALA B 283 26.44 -23.79 20.41
N LEU B 284 26.67 -22.75 21.21
CA LEU B 284 25.62 -21.86 21.69
C LEU B 284 25.78 -20.47 21.07
N PRO B 285 24.71 -19.67 21.07
CA PRO B 285 24.82 -18.31 20.57
C PRO B 285 26.02 -17.59 21.15
N GLY B 286 26.69 -16.77 20.35
CA GLY B 286 27.92 -16.10 20.75
C GLY B 286 29.20 -16.89 20.50
N ASP B 287 29.09 -18.22 20.46
CA ASP B 287 30.25 -19.06 20.17
C ASP B 287 30.74 -18.84 18.74
N ASN B 288 32.01 -18.41 18.63
CA ASN B 288 32.73 -18.36 17.36
C ASN B 288 33.38 -19.72 17.18
N ILE B 289 33.01 -20.46 16.13
CA ILE B 289 33.35 -21.87 16.04
C ILE B 289 33.82 -22.29 14.66
N GLY B 290 34.55 -23.40 14.61
CA GLY B 290 34.80 -24.16 13.36
C GLY B 290 34.08 -25.50 13.46
N PHE B 291 33.59 -26.02 12.34
CA PHE B 291 32.83 -27.27 12.38
C PHE B 291 32.97 -28.12 11.11
N ASN B 292 33.36 -29.38 11.26
CA ASN B 292 33.44 -30.31 10.14
C ASN B 292 32.08 -30.76 9.66
N VAL B 293 31.83 -30.58 8.36
CA VAL B 293 30.55 -30.95 7.76
C VAL B 293 30.80 -32.03 6.71
N ARG B 294 30.16 -33.17 6.93
CA ARG B 294 30.38 -34.38 6.17
C ARG B 294 29.84 -34.23 4.75
N GLY B 295 30.70 -34.46 3.76
CA GLY B 295 30.33 -34.41 2.34
C GLY B 295 29.75 -33.09 1.82
N VAL B 296 30.30 -31.96 2.26
CA VAL B 296 30.08 -30.70 1.58
C VAL B 296 31.44 -30.22 1.10
N SER B 297 31.54 -29.91 -0.19
CA SER B 297 32.83 -29.58 -0.80
C SER B 297 33.34 -28.20 -0.37
N LYS B 298 34.66 -28.02 -0.43
CA LYS B 298 35.34 -26.75 -0.15
C LYS B 298 34.80 -25.66 -1.06
N ASN B 299 34.33 -26.04 -2.24
CA ASN B 299 33.92 -25.09 -3.27
C ASN B 299 32.41 -24.95 -3.37
N ASP B 300 31.67 -25.54 -2.43
CA ASP B 300 30.20 -25.40 -2.43
C ASP B 300 29.76 -24.31 -1.47
N ILE B 301 30.67 -23.92 -0.60
CA ILE B 301 30.37 -22.93 0.42
C ILE B 301 31.51 -21.95 0.52
N LYS B 302 31.19 -20.70 0.84
CA LYS B 302 32.21 -19.68 0.96
C LYS B 302 31.75 -18.66 1.98
N ARG B 303 32.59 -17.68 2.26
CA ARG B 303 32.23 -16.51 3.05
C ARG B 303 30.94 -15.85 2.55
N GLY B 304 30.04 -15.51 3.47
CA GLY B 304 28.74 -14.94 3.08
C GLY B 304 27.58 -15.91 3.21
N ASP B 305 27.87 -17.21 3.14
CA ASP B 305 26.87 -18.22 3.35
C ASP B 305 26.47 -18.25 4.81
N VAL B 306 25.30 -18.83 5.07
CA VAL B 306 24.77 -18.95 6.40
C VAL B 306 24.23 -20.37 6.54
N ALA B 307 24.67 -21.04 7.61
CA ALA B 307 24.21 -22.38 7.96
C ALA B 307 23.00 -22.29 8.87
N GLY B 308 22.07 -23.21 8.64
CA GLY B 308 20.88 -23.41 9.50
C GLY B 308 20.43 -24.87 9.51
N HIS B 309 19.50 -25.23 10.42
CA HIS B 309 18.85 -26.56 10.38
C HIS B 309 17.90 -26.65 9.16
N THR B 310 17.78 -27.84 8.58
CA THR B 310 16.90 -28.08 7.42
C THR B 310 15.44 -27.77 7.77
N ASP B 311 15.13 -27.96 9.04
CA ASP B 311 13.92 -27.48 9.72
C ASP B 311 13.42 -26.11 9.22
N LYS B 312 14.21 -25.08 9.49
CA LYS B 312 13.89 -23.70 9.15
C LYS B 312 15.16 -23.11 8.52
N PRO B 313 15.38 -23.33 7.21
CA PRO B 313 16.57 -22.86 6.52
C PRO B 313 16.69 -21.34 6.48
N PRO B 314 17.92 -20.82 6.33
CA PRO B 314 18.10 -19.39 6.27
C PRO B 314 17.36 -18.78 5.06
N THR B 315 16.60 -17.71 5.30
CA THR B 315 15.85 -17.03 4.26
C THR B 315 16.77 -16.46 3.20
N VAL B 316 16.45 -16.71 1.94
CA VAL B 316 17.25 -16.18 0.84
C VAL B 316 16.44 -15.17 0.04
N VAL B 317 17.02 -13.98 -0.16
CA VAL B 317 16.48 -13.05 -1.12
C VAL B 317 17.21 -13.24 -2.44
N ARG B 318 16.49 -13.82 -3.42
CA ARG B 318 16.98 -13.96 -4.79
C ARG B 318 16.96 -12.63 -5.57
N THR B 319 17.75 -12.60 -6.65
CA THR B 319 17.80 -11.43 -7.52
C THR B 319 16.41 -11.17 -8.13
N LYS B 320 15.58 -12.20 -8.23
CA LYS B 320 14.21 -12.03 -8.70
C LYS B 320 13.27 -11.46 -7.61
N ASP B 321 13.74 -11.42 -6.37
CA ASP B 321 12.94 -10.89 -5.29
C ASP B 321 13.45 -9.50 -4.92
N THR B 322 12.73 -8.81 -4.05
CA THR B 322 13.24 -7.61 -3.36
C THR B 322 13.12 -7.72 -1.82
N PHE B 323 13.75 -6.81 -1.09
CA PHE B 323 13.40 -6.65 0.34
C PHE B 323 13.22 -5.18 0.69
N LYS B 324 12.51 -4.96 1.79
CA LYS B 324 12.18 -3.64 2.27
C LYS B 324 12.94 -3.41 3.57
N ALA B 325 13.56 -2.24 3.65
CA ALA B 325 14.38 -1.88 4.79
C ALA B 325 14.09 -0.45 5.20
N GLN B 326 14.37 -0.17 6.48
CA GLN B 326 14.44 1.19 6.93
C GLN B 326 15.92 1.51 7.09
N ILE B 327 16.34 2.64 6.56
CA ILE B 327 17.76 3.03 6.63
C ILE B 327 17.95 4.41 7.25
N ILE B 328 19.18 4.67 7.69
CA ILE B 328 19.57 6.04 8.02
C ILE B 328 20.72 6.33 7.07
N VAL B 329 20.65 7.43 6.33
CA VAL B 329 21.75 7.80 5.44
C VAL B 329 22.85 8.44 6.28
N LEU B 330 23.96 7.74 6.41
CA LEU B 330 25.06 8.23 7.27
C LEU B 330 25.99 9.14 6.51
N ASN B 331 26.27 8.80 5.25
CA ASN B 331 27.23 9.59 4.49
C ASN B 331 27.00 9.52 2.98
N HIS B 332 26.07 10.33 2.48
CA HIS B 332 25.83 10.49 1.05
C HIS B 332 25.20 11.87 0.84
N PRO B 333 26.06 12.90 0.72
CA PRO B 333 25.65 14.30 0.68
C PRO B 333 24.71 14.66 -0.48
N THR B 334 24.92 14.09 -1.67
CA THR B 334 24.01 14.37 -2.78
C THR B 334 22.85 13.38 -2.83
N ALA B 335 21.93 13.63 -3.76
CA ALA B 335 20.70 12.85 -3.92
C ALA B 335 20.93 11.33 -4.16
N ILE B 336 20.42 10.48 -3.27
CA ILE B 336 20.17 9.09 -3.60
C ILE B 336 18.80 9.04 -4.28
N THR B 337 18.76 8.47 -5.48
CA THR B 337 17.49 8.28 -6.16
C THR B 337 17.37 6.81 -6.56
N VAL B 338 16.17 6.43 -7.04
CA VAL B 338 15.91 5.10 -7.57
C VAL B 338 16.95 4.80 -8.64
N GLY B 339 17.49 3.59 -8.65
CA GLY B 339 18.61 3.23 -9.55
C GLY B 339 19.99 3.28 -8.90
N TYR B 340 20.14 4.05 -7.82
CA TYR B 340 21.40 4.04 -7.06
C TYR B 340 21.74 2.61 -6.72
N SER B 341 22.99 2.23 -6.98
CA SER B 341 23.41 0.85 -6.95
C SER B 341 24.70 0.66 -6.16
N PRO B 342 24.60 0.66 -4.82
CA PRO B 342 25.80 0.51 -4.04
C PRO B 342 25.98 -0.94 -3.60
N VAL B 343 26.77 -1.15 -2.56
CA VAL B 343 27.05 -2.50 -2.09
C VAL B 343 26.41 -2.70 -0.73
N LEU B 344 25.78 -3.84 -0.55
CA LEU B 344 25.18 -4.19 0.72
C LEU B 344 26.14 -5.09 1.47
N HIS B 345 26.39 -4.74 2.75
CA HIS B 345 27.19 -5.56 3.68
C HIS B 345 26.29 -6.06 4.80
N ALA B 346 26.15 -7.38 4.91
CA ALA B 346 25.27 -8.00 5.91
C ALA B 346 25.89 -9.29 6.38
N HIS B 347 25.81 -9.48 7.69
CA HIS B 347 26.58 -10.48 8.44
C HIS B 347 27.96 -10.55 7.80
N THR B 348 28.29 -11.60 7.04
CA THR B 348 29.59 -11.64 6.36
C THR B 348 29.56 -11.47 4.83
N ALA B 349 28.38 -11.21 4.29
CA ALA B 349 28.21 -11.06 2.84
C ALA B 349 28.37 -9.63 2.35
N GLN B 350 28.90 -9.49 1.14
CA GLN B 350 28.80 -8.21 0.44
C GLN B 350 28.25 -8.45 -0.93
N ILE B 351 27.17 -7.77 -1.27
CA ILE B 351 26.58 -7.93 -2.61
C ILE B 351 26.07 -6.59 -3.16
N PRO B 352 26.15 -6.43 -4.50
CA PRO B 352 25.59 -5.24 -5.11
C PRO B 352 24.07 -5.25 -4.92
N VAL B 353 23.51 -4.07 -4.70
CA VAL B 353 22.09 -3.95 -4.46
C VAL B 353 21.59 -2.70 -5.20
N ARG B 354 20.37 -2.76 -5.73
CA ARG B 354 19.78 -1.62 -6.42
C ARG B 354 18.61 -1.02 -5.64
N PHE B 355 18.58 0.31 -5.56
CA PHE B 355 17.41 1.01 -5.05
C PHE B 355 16.24 1.01 -6.02
N GLU B 356 15.21 0.21 -5.69
CA GLU B 356 14.04 0.07 -6.54
C GLU B 356 12.99 1.16 -6.28
N GLN B 357 12.75 1.46 -5.01
CA GLN B 357 11.72 2.44 -4.64
C GLN B 357 12.14 3.18 -3.38
N ILE B 358 11.79 4.46 -3.30
CA ILE B 358 11.91 5.14 -2.04
C ILE B 358 10.51 5.48 -1.56
N LEU B 359 10.06 4.71 -0.55
CA LEU B 359 8.64 4.74 -0.22
C LEU B 359 8.32 5.91 0.71
N ALA B 360 9.29 6.29 1.54
CA ALA B 360 9.04 7.36 2.46
C ALA B 360 10.33 7.91 3.02
N LYS B 361 10.30 9.20 3.30
CA LYS B 361 11.39 9.84 4.02
C LYS B 361 10.90 9.94 5.47
N VAL B 362 11.78 9.63 6.41
CA VAL B 362 11.48 9.57 7.84
C VAL B 362 12.39 10.54 8.62
N ASP B 363 11.82 11.20 9.62
CA ASP B 363 12.55 12.10 10.48
C ASP B 363 13.46 11.30 11.44
N PRO B 364 14.79 11.48 11.29
CA PRO B 364 15.76 10.73 12.12
C PRO B 364 15.62 10.94 13.64
N ARG B 365 15.03 12.06 14.03
CA ARG B 365 14.89 12.42 15.44
C ARG B 365 13.67 11.82 16.08
N THR B 366 12.66 11.52 15.28
CA THR B 366 11.38 11.10 15.87
C THR B 366 10.86 9.78 15.29
N GLY B 367 11.33 9.36 14.13
CA GLY B 367 10.72 8.20 13.51
C GLY B 367 9.42 8.54 12.80
N ASN B 368 8.99 9.81 12.88
CA ASN B 368 7.84 10.25 12.10
C ASN B 368 8.07 10.39 10.59
N ILE B 369 7.01 10.17 9.84
CA ILE B 369 7.10 10.31 8.40
C ILE B 369 7.08 11.77 7.99
N VAL B 370 8.06 12.14 7.17
CA VAL B 370 8.21 13.50 6.65
C VAL B 370 7.55 13.63 5.28
N GLU B 371 7.72 12.62 4.44
CA GLU B 371 7.21 12.65 3.08
C GLU B 371 7.02 11.25 2.54
N GLU B 372 5.85 10.99 1.98
CA GLU B 372 5.61 9.75 1.23
C GLU B 372 6.25 9.85 -0.16
N ASN B 373 6.87 8.76 -0.65
CA ASN B 373 7.41 8.74 -2.04
C ASN B 373 8.32 9.95 -2.40
N PRO B 374 9.28 10.27 -1.54
CA PRO B 374 10.16 11.40 -1.92
C PRO B 374 10.94 11.01 -3.16
N GLN B 375 11.29 11.99 -3.96
CA GLN B 375 12.06 11.76 -5.14
C GLN B 375 13.54 11.42 -4.83
N PHE B 376 14.05 11.84 -3.66
CA PHE B 376 15.44 11.60 -3.31
C PHE B 376 15.65 11.65 -1.79
N ILE B 377 16.70 10.99 -1.33
CA ILE B 377 17.14 11.14 0.05
C ILE B 377 18.63 11.48 0.06
N LYS B 378 19.09 11.94 1.21
CA LYS B 378 20.49 12.24 1.44
C LYS B 378 20.89 12.20 2.94
N THR B 379 22.17 12.52 3.20
CA THR B 379 22.80 12.42 4.52
C THR B 379 21.87 12.92 5.59
N GLY B 380 21.70 12.15 6.64
CA GLY B 380 20.84 12.56 7.76
C GLY B 380 19.39 12.14 7.62
N ASP B 381 18.92 11.86 6.40
CA ASP B 381 17.56 11.33 6.24
C ASP B 381 17.47 9.85 6.68
N SER B 382 16.34 9.48 7.27
CA SER B 382 15.99 8.08 7.36
C SER B 382 14.97 7.82 6.24
N ALA B 383 14.84 6.57 5.77
CA ALA B 383 13.91 6.28 4.66
C ALA B 383 13.47 4.83 4.67
N ILE B 384 12.29 4.56 4.11
CA ILE B 384 11.81 3.20 3.92
C ILE B 384 12.06 2.94 2.43
N VAL B 385 12.87 1.92 2.13
CA VAL B 385 13.27 1.67 0.75
C VAL B 385 13.01 0.22 0.36
N VAL B 386 12.81 0.02 -0.95
CA VAL B 386 12.78 -1.33 -1.55
C VAL B 386 14.06 -1.53 -2.35
N LEU B 387 14.69 -2.66 -2.09
CA LEU B 387 16.00 -2.98 -2.65
C LEU B 387 15.98 -4.34 -3.32
N ARG B 388 16.70 -4.44 -4.46
CA ARG B 388 16.87 -5.73 -5.16
C ARG B 388 18.35 -6.11 -5.20
N PRO B 389 18.68 -7.25 -4.61
CA PRO B 389 20.07 -7.68 -4.57
C PRO B 389 20.48 -8.13 -5.95
N MET B 390 21.75 -7.96 -6.30
CA MET B 390 22.16 -8.33 -7.64
C MET B 390 22.74 -9.74 -7.66
N LYS B 391 23.02 -10.26 -6.46
CA LYS B 391 23.39 -11.68 -6.22
C LYS B 391 22.54 -12.09 -5.04
N PRO B 392 22.21 -13.40 -4.93
CA PRO B 392 21.38 -13.81 -3.77
C PRO B 392 22.06 -13.56 -2.42
N VAL B 393 21.26 -13.34 -1.39
CA VAL B 393 21.78 -13.05 -0.06
C VAL B 393 20.81 -13.54 1.01
N VAL B 394 21.36 -14.01 2.14
CA VAL B 394 20.54 -14.37 3.28
C VAL B 394 20.29 -13.13 4.11
N LEU B 395 19.01 -12.84 4.37
CA LEU B 395 18.55 -11.75 5.21
C LEU B 395 17.29 -12.22 5.93
N GLU B 396 17.00 -11.65 7.10
CA GLU B 396 15.80 -11.96 7.85
C GLU B 396 15.17 -10.65 8.28
N PRO B 397 13.83 -10.58 8.33
CA PRO B 397 13.21 -9.38 8.91
C PRO B 397 13.72 -9.21 10.34
N VAL B 398 14.01 -7.96 10.74
CA VAL B 398 14.50 -7.75 12.09
C VAL B 398 13.54 -8.26 13.12
N LYS B 399 12.27 -8.15 12.89
CA LYS B 399 11.33 -8.55 13.91
C LYS B 399 11.30 -10.08 14.14
N GLU B 400 11.90 -10.87 13.23
CA GLU B 400 11.97 -12.33 13.42
C GLU B 400 13.35 -12.76 13.92
N ILE B 401 14.41 -12.38 13.20
CA ILE B 401 15.76 -12.77 13.59
C ILE B 401 16.66 -11.53 13.47
N PRO B 402 16.64 -10.68 14.52
CA PRO B 402 17.29 -9.35 14.46
C PRO B 402 18.76 -9.45 14.10
N GLN B 403 19.40 -10.54 14.48
CA GLN B 403 20.84 -10.69 14.32
C GLN B 403 21.20 -10.84 12.85
N LEU B 404 20.21 -11.12 12.01
CA LEU B 404 20.49 -11.25 10.60
C LEU B 404 19.66 -10.27 9.82
N GLY B 405 19.12 -9.26 10.50
CA GLY B 405 18.21 -8.31 9.88
C GLY B 405 18.78 -6.92 9.82
N ARG B 406 20.08 -6.79 10.06
CA ARG B 406 20.73 -5.51 10.06
C ARG B 406 21.85 -5.51 9.07
N PHE B 407 22.15 -4.36 8.49
CA PHE B 407 23.18 -4.30 7.48
C PHE B 407 23.74 -2.90 7.35
N ALA B 408 24.83 -2.79 6.61
CA ALA B 408 25.34 -1.49 6.20
C ALA B 408 25.31 -1.40 4.69
N ILE B 409 25.29 -0.18 4.17
CA ILE B 409 25.47 0.06 2.72
C ILE B 409 26.82 0.75 2.51
N ARG B 410 27.62 0.21 1.60
CA ARG B 410 28.95 0.76 1.33
C ARG B 410 29.09 1.12 -0.12
N ASP B 411 29.86 2.16 -0.38
CA ASP B 411 30.09 2.64 -1.73
C ASP B 411 31.39 3.44 -1.77
N MET B 412 32.17 3.20 -2.84
CA MET B 412 33.46 3.87 -3.04
C MET B 412 34.25 4.07 -1.75
N GLY B 413 34.31 3.02 -0.93
CA GLY B 413 35.16 3.02 0.26
C GLY B 413 34.61 3.61 1.54
N MET B 414 33.36 4.07 1.55
CA MET B 414 32.79 4.56 2.81
C MET B 414 31.40 3.98 3.13
N THR B 415 31.00 4.07 4.41
CA THR B 415 29.69 3.64 4.84
C THR B 415 28.63 4.67 4.47
N ILE B 416 27.76 4.33 3.52
CA ILE B 416 26.68 5.21 3.08
C ILE B 416 25.52 5.24 4.09
N ALA B 417 25.18 4.07 4.62
CA ALA B 417 23.97 3.97 5.43
C ALA B 417 24.01 2.74 6.29
N ALA B 418 23.11 2.69 7.26
CA ALA B 418 22.86 1.45 7.99
C ALA B 418 21.35 1.17 7.88
N GLY B 419 20.95 -0.09 7.87
CA GLY B 419 19.54 -0.38 7.73
C GLY B 419 19.09 -1.59 8.50
N MET B 420 17.79 -1.78 8.55
CA MET B 420 17.24 -2.98 9.10
C MET B 420 16.19 -3.47 8.12
N VAL B 421 16.03 -4.78 8.06
CA VAL B 421 15.12 -5.41 7.11
C VAL B 421 13.69 -5.47 7.70
N ILE B 422 12.76 -4.94 6.93
CA ILE B 422 11.37 -4.89 7.36
C ILE B 422 10.64 -6.14 6.88
N SER B 423 10.85 -6.50 5.62
CA SER B 423 10.10 -7.59 5.01
C SER B 423 10.77 -7.91 3.71
N ILE B 424 10.37 -9.05 3.15
CA ILE B 424 10.93 -9.60 1.94
C ILE B 424 9.76 -9.84 0.99
N GLN B 425 9.91 -9.46 -0.28
CA GLN B 425 8.89 -9.72 -1.30
C GLN B 425 9.38 -10.77 -2.31
N LYS B 426 8.73 -11.93 -2.35
CA LYS B 426 9.07 -12.96 -3.34
C LYS B 426 8.56 -12.65 -4.77
N GLY B 427 9.50 -12.54 -5.73
CA GLY B 427 9.17 -12.10 -7.09
C GLY B 427 9.72 -13.00 -8.18
N GLU C 7 3.79 28.06 16.46
CA GLU C 7 4.55 27.07 15.63
C GLU C 7 4.13 25.61 15.88
N LYS C 8 3.33 25.39 16.92
CA LYS C 8 2.59 24.15 17.10
C LYS C 8 1.68 23.92 15.87
N LYS C 9 1.08 25.02 15.39
CA LYS C 9 0.23 25.07 14.19
C LYS C 9 0.93 24.56 12.92
N GLU C 10 2.19 24.97 12.73
CA GLU C 10 3.00 24.50 11.62
C GLU C 10 3.17 22.97 11.68
N GLU C 11 3.59 22.45 12.83
CA GLU C 11 3.71 21.01 13.09
C GLU C 11 2.40 20.25 12.80
N GLU C 12 1.27 20.86 13.15
CA GLU C 12 -0.02 20.22 12.97
C GLU C 12 -0.41 20.16 11.50
N GLU C 13 -0.11 21.24 10.77
CA GLU C 13 -0.32 21.29 9.32
C GLU C 13 0.54 20.24 8.64
N LYS C 14 1.81 20.13 9.00
CA LYS C 14 2.66 19.11 8.39
C LYS C 14 2.13 17.69 8.67
N GLU C 15 1.78 17.44 9.93
CA GLU C 15 1.27 16.14 10.35
C GLU C 15 0.04 15.76 9.54
N GLU C 16 -0.84 16.73 9.38
CA GLU C 16 -2.07 16.54 8.63
C GLU C 16 -1.74 16.37 7.15
N GLU C 17 -0.76 17.11 6.64
CA GLU C 17 -0.37 16.91 5.25
C GLU C 17 0.14 15.49 4.98
N VAL C 18 1.02 15.00 5.85
CA VAL C 18 1.55 13.66 5.77
C VAL C 18 0.44 12.61 5.88
N SER C 19 -0.51 12.87 6.78
CA SER C 19 -1.62 11.94 6.92
C SER C 19 -2.34 11.80 5.57
N GLU C 20 -2.55 12.92 4.90
CA GLU C 20 -3.22 12.90 3.58
C GLU C 20 -2.39 12.16 2.54
N GLU C 21 -1.06 12.32 2.58
CA GLU C 21 -0.17 11.51 1.72
C GLU C 21 -0.26 10.00 2.04
N GLU C 22 -0.39 9.66 3.33
CA GLU C 22 -0.58 8.26 3.74
C GLU C 22 -1.90 7.73 3.19
N ALA C 23 -2.93 8.56 3.18
CA ALA C 23 -4.22 8.22 2.61
C ALA C 23 -4.09 7.91 1.10
N LEU C 24 -3.34 8.76 0.38
CA LEU C 24 -3.08 8.56 -1.03
C LEU C 24 -2.42 7.19 -1.23
N ALA C 25 -1.45 6.89 -0.37
CA ALA C 25 -0.73 5.61 -0.47
C ALA C 25 -1.66 4.43 -0.19
N GLY C 26 -2.64 4.63 0.69
CA GLY C 26 -3.62 3.59 0.99
C GLY C 26 -4.47 3.36 -0.25
N LEU C 27 -4.73 4.44 -0.98
CA LEU C 27 -5.51 4.32 -2.21
C LEU C 27 -4.68 3.60 -3.29
N SER C 28 -3.39 3.95 -3.39
CA SER C 28 -2.49 3.26 -4.33
C SER C 28 -2.44 1.77 -4.08
N ALA C 29 -2.40 1.38 -2.80
CA ALA C 29 -2.43 -0.03 -2.41
C ALA C 29 -3.77 -0.67 -2.72
N LEU C 30 -4.87 0.01 -2.41
CA LEU C 30 -6.20 -0.50 -2.68
C LEU C 30 -6.41 -0.76 -4.18
N PHE C 31 -5.96 0.18 -5.00
CA PHE C 31 -6.25 0.08 -6.44
C PHE C 31 -5.09 -0.52 -7.20
N GLY C 32 -4.05 -0.92 -6.48
CA GLY C 32 -2.87 -1.54 -7.10
C GLY C 32 -3.09 -2.99 -7.45
N GLU D 7 -27.10 16.81 7.84
CA GLU D 7 -26.64 15.81 6.83
C GLU D 7 -25.26 16.14 6.25
N LYS D 8 -25.06 17.42 5.92
CA LYS D 8 -23.80 17.85 5.34
C LYS D 8 -22.64 17.73 6.31
N LYS D 9 -22.88 17.91 7.61
CA LYS D 9 -21.79 17.66 8.57
C LYS D 9 -21.48 16.16 8.63
N GLU D 10 -22.52 15.32 8.49
CA GLU D 10 -22.37 13.85 8.44
C GLU D 10 -21.46 13.41 7.27
N GLU D 11 -21.68 14.02 6.11
CA GLU D 11 -20.85 13.82 4.94
C GLU D 11 -19.40 14.20 5.16
N GLU D 12 -19.18 15.36 5.79
CA GLU D 12 -17.84 15.87 6.02
C GLU D 12 -17.10 14.94 6.96
N GLU D 13 -17.80 14.50 8.02
CA GLU D 13 -17.25 13.60 9.03
C GLU D 13 -16.99 12.21 8.46
N LYS D 14 -17.83 11.76 7.53
CA LYS D 14 -17.61 10.45 6.92
C LYS D 14 -16.37 10.48 6.01
N GLU D 15 -16.23 11.57 5.27
CA GLU D 15 -15.13 11.69 4.33
C GLU D 15 -13.79 11.71 5.09
N GLU D 16 -13.76 12.42 6.20
CA GLU D 16 -12.56 12.52 7.00
C GLU D 16 -12.25 11.17 7.66
N GLU D 17 -13.27 10.51 8.17
CA GLU D 17 -13.10 9.17 8.74
C GLU D 17 -12.55 8.16 7.70
N VAL D 18 -13.12 8.12 6.50
CA VAL D 18 -12.62 7.26 5.43
C VAL D 18 -11.18 7.62 5.10
N SER D 19 -10.86 8.92 5.07
CA SER D 19 -9.48 9.35 4.86
C SER D 19 -8.52 8.73 5.89
N GLU D 20 -8.93 8.70 7.16
CA GLU D 20 -8.10 8.12 8.19
C GLU D 20 -7.95 6.60 8.00
N GLU D 21 -8.99 5.94 7.54
CA GLU D 21 -8.92 4.51 7.24
C GLU D 21 -7.91 4.26 6.13
N GLU D 22 -7.98 5.04 5.06
CA GLU D 22 -7.04 4.96 3.96
C GLU D 22 -5.59 5.22 4.44
N ALA D 23 -5.40 6.22 5.30
CA ALA D 23 -4.08 6.51 5.88
C ALA D 23 -3.59 5.28 6.66
N LEU D 24 -4.52 4.60 7.33
CA LEU D 24 -4.11 3.45 8.08
C LEU D 24 -3.69 2.35 7.07
N ALA D 25 -4.46 2.18 6.01
CA ALA D 25 -4.09 1.19 5.02
C ALA D 25 -2.73 1.57 4.40
N GLY D 26 -2.45 2.87 4.33
CA GLY D 26 -1.19 3.36 3.71
C GLY D 26 0.00 2.98 4.62
N LEU D 27 -0.15 3.16 5.94
CA LEU D 27 0.88 2.72 6.85
C LEU D 27 1.10 1.22 6.78
N SER D 28 0.02 0.43 6.70
CA SER D 28 0.21 -1.05 6.60
C SER D 28 0.97 -1.42 5.35
N ALA D 29 0.70 -0.73 4.23
CA ALA D 29 1.44 -1.06 3.01
C ALA D 29 2.89 -0.60 3.13
N LEU D 30 3.10 0.58 3.71
CA LEU D 30 4.44 1.12 3.85
C LEU D 30 5.33 0.16 4.69
N PHE D 31 4.80 -0.29 5.84
CA PHE D 31 5.59 -1.11 6.75
C PHE D 31 5.43 -2.61 6.55
N GLY D 32 4.48 -3.02 5.70
CA GLY D 32 4.23 -4.44 5.44
C GLY D 32 5.30 -5.08 4.58
PB GDP E . -21.59 19.20 -8.16
O1B GDP E . -22.16 18.70 -6.88
O2B GDP E . -20.09 18.92 -8.33
O3B GDP E . -22.34 19.00 -9.45
O3A GDP E . -21.56 20.82 -7.93
PA GDP E . -22.66 21.89 -8.47
O1A GDP E . -23.96 21.48 -7.94
O2A GDP E . -22.49 22.13 -9.95
O5' GDP E . -22.27 23.23 -7.68
C5' GDP E . -22.43 23.28 -6.26
C4' GDP E . -22.79 24.69 -5.78
O4' GDP E . -21.75 25.58 -6.12
C3' GDP E . -24.02 25.21 -6.49
O3' GDP E . -24.73 25.99 -5.53
C2' GDP E . -23.46 26.05 -7.62
O2' GDP E . -24.27 27.17 -7.86
C1' GDP E . -22.15 26.55 -7.08
N9 GDP E . -21.07 26.68 -8.12
C8 GDP E . -20.62 25.74 -8.99
N7 GDP E . -19.61 26.25 -9.76
C5 GDP E . -19.40 27.53 -9.36
C6 GDP E . -18.47 28.66 -9.72
O6 GDP E . -17.63 28.52 -10.64
N1 GDP E . -18.56 29.82 -9.06
C2 GDP E . -19.48 29.98 -8.07
N2 GDP E . -19.56 31.17 -7.44
N3 GDP E . -20.35 29.02 -7.68
C4 GDP E . -20.36 27.80 -8.28
PB GDP F . 6.71 14.93 25.10
O1B GDP F . 7.91 14.52 25.94
O2B GDP F . 6.96 15.82 23.90
O3B GDP F . 5.76 13.79 24.80
O3A GDP F . 5.76 15.85 26.03
PA GDP F . 6.22 16.53 27.42
O1A GDP F . 7.36 17.43 27.16
O2A GDP F . 6.35 15.52 28.55
O5' GDP F . 4.93 17.41 27.77
C5' GDP F . 4.60 18.57 26.98
C4' GDP F . 3.84 19.60 27.83
O4' GDP F . 2.67 18.98 28.40
C3' GDP F . 4.66 20.14 29.01
O3' GDP F . 4.28 21.50 29.24
C2' GDP F . 4.18 19.27 30.17
O2' GDP F . 4.24 19.87 31.45
C1' GDP F . 2.73 19.06 29.85
N9 GDP F . 2.21 17.78 30.42
C8 GDP F . 2.70 16.53 30.24
N7 GDP F . 1.95 15.60 30.85
C5 GDP F . 0.96 16.27 31.45
C6 GDP F . -0.20 15.91 32.29
O6 GDP F . -0.39 14.72 32.59
N1 GDP F . -1.02 16.89 32.71
C2 GDP F . -0.81 18.21 32.41
N2 GDP F . -1.64 19.14 32.90
N3 GDP F . 0.25 18.61 31.65
C4 GDP F . 1.12 17.70 31.17
#